data_6RZB
#
_entry.id   6RZB
#
_cell.length_a   1.00
_cell.length_b   1.00
_cell.length_c   1.00
_cell.angle_alpha   90.00
_cell.angle_beta   90.00
_cell.angle_gamma   90.00
#
_symmetry.space_group_name_H-M   'P 1'
#
loop_
_entity.id
_entity.type
_entity.pdbx_description
1 polymer 'Tubulin alpha-1B chain'
2 polymer 'Tubulin beta chain'
3 polymer 'MKIAA0325 protein'
4 non-polymer "GUANOSINE-5'-TRIPHOSPHATE"
5 non-polymer 'MAGNESIUM ION'
6 non-polymer "GUANOSINE-5'-DIPHOSPHATE"
7 non-polymer TAXOL
#
loop_
_entity_poly.entity_id
_entity_poly.type
_entity_poly.pdbx_seq_one_letter_code
_entity_poly.pdbx_strand_id
1 'polypeptide(L)'
;MRECISIHVGQAGVQIGNACWELYCLEHGIQPDGQMPSDKTIGGGDDSFNTFFSETGAGKHVPRAVFVDLEPTVIDEVRT
GTYRQLFHPEQLITGKEDAANNYARGHYTIGKEIIDLVLDRIRKLADQCTGLQGFLVFHSFGGGTGSGFTSLLMERLSVD
YGKKSKLEFSIYPAPQVSTAVVEPYNSILTTHTTLEHSDCAFMVDNEAIYDICRRNLDIERPTYTNLNRLISQIVSSITA
SLRFDGALNVDLTEFQTNLVPYPRIHFPLATYAPVISAEKAYHEQLSVAEITNACFEPANQMVKCDPRHGKYMACCLLYR
GDVVPKDVNAAIATIKTKRTIQFVDWCPTGFKVGINYQPPTVVPGGDLAKVQRAVCMLSNTTAIAEAWARLDHKFDLMYA
KRAFVHWYVGEGMEEGEFSEAREDMAALEKDYEEVGV
;
A
2 'polypeptide(L)'
;MREIVHIQAGQCGNQIGAKFWEVISDEHGIDPTGSYHGDSDLQLERINVYYNEAAGNKYVPRAILVDLEPGTMDSVRSGP
FGQIFRPDNFVFGQSGAGNNWAKGHYTEGAELVDSVLDVVRKESESCDCLQGFQLTHSLGGGTGSGMGTLLISKIREEYP
DRIMNTFSVVPSPKVSDTVVEPYNATLSVHQLVENTDETYCIDNEALYDICFRTLKLTTPTYGDLNHLVSATMSGVTTCL
RFPGQLNADLRKLAVNMVPFPRLHFFMPGFAPLTSRGSQQYRALTVPELTQQMFDAKNMMAACDPRHGRYLTVAAVFRGR
MSMKEVDEQMLNVQNKNSSYFVEWIPNNVKTAVCDIPPRGLKMSATFIGNSTAIQELFKRISEQFTAMFRRKAFLHWYTG
EGMDEMEFTEAESNMNDLVSEYQQYQ
;
B
3 'polypeptide(L)'
;ADKQMSVKEDLDKVEPAVIEAQNAVKSIKKQHLVEVRSMANPPAAVKLALESIALLLGESTTDWKQIRSIIMRENFIPTI
VNFSAEEISDAIREKMKKNYMSNPSYNYEIVNRASLAAGPMVKWAIAQLNYADMLKRVEPLRNELQKLE
;
C
#
loop_
_chem_comp.id
_chem_comp.type
_chem_comp.name
_chem_comp.formula
GDP RNA linking GUANOSINE-5'-DIPHOSPHATE 'C10 H15 N5 O11 P2'
GTP non-polymer GUANOSINE-5'-TRIPHOSPHATE 'C10 H16 N5 O14 P3'
MG non-polymer 'MAGNESIUM ION' 'Mg 2'
TA1 non-polymer TAXOL 'C47 H51 N O14'
#
# COMPACT_ATOMS: atom_id res chain seq x y z
N MET A 1 21.28 33.69 14.92
CA MET A 1 20.27 33.13 15.83
C MET A 1 20.20 31.60 15.72
N ARG A 2 19.66 30.99 16.80
CA ARG A 2 19.16 29.64 16.81
C ARG A 2 18.07 29.52 15.74
N GLU A 3 18.26 28.63 14.76
CA GLU A 3 17.35 28.55 13.62
C GLU A 3 17.19 27.09 13.18
N CYS A 4 16.01 26.79 12.61
CA CYS A 4 15.56 25.41 12.42
C CYS A 4 15.12 25.08 11.00
N ILE A 5 14.93 23.76 10.80
CA ILE A 5 14.54 23.11 9.55
C ILE A 5 13.37 22.18 9.80
N SER A 6 12.40 22.27 8.89
CA SER A 6 11.21 21.45 8.88
C SER A 6 11.33 20.46 7.73
N ILE A 7 10.90 19.21 7.98
CA ILE A 7 10.85 18.19 6.95
C ILE A 7 9.55 17.42 7.11
N HIS A 8 8.56 17.69 6.23
CA HIS A 8 7.31 16.94 6.15
C HIS A 8 7.43 15.84 5.11
N VAL A 9 7.25 14.58 5.51
CA VAL A 9 7.48 13.41 4.66
C VAL A 9 6.25 12.52 4.75
N GLY A 10 5.75 12.13 3.58
CA GLY A 10 4.54 11.32 3.55
C GLY A 10 3.29 12.19 3.59
N GLN A 11 2.13 11.57 3.30
CA GLN A 11 0.88 12.29 3.24
C GLN A 11 0.63 12.91 4.60
N ALA A 12 0.78 12.09 5.63
CA ALA A 12 0.55 12.51 7.01
C ALA A 12 1.45 13.70 7.30
N GLY A 13 2.74 13.55 6.98
CA GLY A 13 3.66 14.61 7.27
C GLY A 13 3.18 15.92 6.66
N VAL A 14 2.80 15.85 5.39
CA VAL A 14 2.48 17.08 4.70
C VAL A 14 1.18 17.67 5.23
N GLN A 15 0.21 16.80 5.49
CA GLN A 15 -1.08 17.20 6.01
C GLN A 15 -0.86 17.90 7.36
N ILE A 16 0.01 17.30 8.20
CA ILE A 16 0.39 17.89 9.48
C ILE A 16 1.04 19.23 9.21
N GLY A 17 1.84 19.28 8.16
CA GLY A 17 2.58 20.46 7.80
C GLY A 17 1.66 21.61 7.46
N ASN A 18 0.57 21.30 6.73
CA ASN A 18 -0.40 22.28 6.26
C ASN A 18 -0.98 23.01 7.46
N ALA A 19 -1.24 22.22 8.50
CA ALA A 19 -1.72 22.75 9.77
C ALA A 19 -0.63 23.59 10.45
N CYS A 20 0.60 23.09 10.49
CA CYS A 20 1.70 23.68 11.23
C CYS A 20 1.98 25.09 10.74
N TRP A 21 2.10 25.28 9.42
CA TRP A 21 2.59 26.52 8.84
C TRP A 21 1.51 27.57 8.89
N GLU A 22 0.28 27.11 9.09
CA GLU A 22 -0.83 28.02 9.31
C GLU A 22 -0.60 28.70 10.65
N LEU A 23 -0.34 27.87 11.67
CA LEU A 23 -0.20 28.23 13.07
C LEU A 23 0.92 29.26 13.24
N TYR A 24 2.09 28.91 12.70
CA TYR A 24 3.28 29.70 12.87
C TYR A 24 3.01 31.09 12.33
N CYS A 25 2.37 31.14 11.16
CA CYS A 25 2.06 32.39 10.47
C CYS A 25 1.14 33.23 11.34
N LEU A 26 0.16 32.56 11.93
CA LEU A 26 -0.80 33.29 12.71
C LEU A 26 -0.12 33.89 13.94
N GLU A 27 0.89 33.17 14.45
CA GLU A 27 1.62 33.55 15.65
C GLU A 27 2.61 34.68 15.37
N HIS A 28 3.53 34.45 14.43
CA HIS A 28 4.53 35.44 14.07
C HIS A 28 3.91 36.63 13.36
N GLY A 29 2.66 36.49 12.89
CA GLY A 29 1.90 37.59 12.33
C GLY A 29 2.00 37.73 10.80
N ILE A 30 2.54 36.68 10.15
CA ILE A 30 2.72 36.59 8.71
C ILE A 30 1.38 36.23 8.05
N GLN A 31 1.10 36.83 6.89
CA GLN A 31 -0.06 36.49 6.10
C GLN A 31 0.27 35.27 5.24
N PRO A 32 -0.71 34.62 4.57
CA PRO A 32 -0.40 33.53 3.65
C PRO A 32 0.48 34.01 2.49
N ASP A 33 0.37 35.30 2.18
CA ASP A 33 1.09 35.97 1.10
C ASP A 33 2.59 35.96 1.36
N GLY A 34 2.96 35.88 2.64
CA GLY A 34 4.35 35.94 3.06
C GLY A 34 4.73 37.33 3.56
N GLN A 35 3.90 38.32 3.22
CA GLN A 35 3.99 39.69 3.66
C GLN A 35 3.65 39.78 5.15
N MET A 36 4.11 40.87 5.77
CA MET A 36 3.79 41.19 7.16
C MET A 36 3.22 42.62 7.24
N SER A 48 11.28 38.60 16.08
CA SER A 48 12.20 37.73 15.31
C SER A 48 11.67 36.30 15.21
N PHE A 49 11.31 35.94 13.98
CA PHE A 49 10.71 34.67 13.60
C PHE A 49 11.77 33.78 12.95
N ASN A 50 13.01 34.21 13.08
CA ASN A 50 14.15 33.65 12.37
C ASN A 50 14.09 32.14 12.32
N THR A 51 13.63 31.54 13.41
CA THR A 51 13.70 30.10 13.58
C THR A 51 12.94 29.36 12.50
N PHE A 52 11.75 29.86 12.14
CA PHE A 52 10.83 29.16 11.25
C PHE A 52 10.47 29.93 9.99
N PHE A 53 10.78 31.22 9.99
CA PHE A 53 10.68 31.98 8.77
C PHE A 53 12.04 32.60 8.45
N SER A 54 12.55 32.40 7.22
CA SER A 54 13.73 33.11 6.73
C SER A 54 13.26 34.27 5.84
N GLU A 55 13.64 35.51 6.18
CA GLU A 55 13.19 36.67 5.44
C GLU A 55 13.78 36.65 4.04
N THR A 56 12.96 37.06 3.08
CA THR A 56 13.38 37.16 1.68
C THR A 56 14.03 38.52 1.47
N GLY A 57 14.36 38.81 0.21
CA GLY A 57 14.91 40.10 -0.20
C GLY A 57 14.15 41.28 0.41
N ALA A 58 12.82 41.28 0.23
CA ALA A 58 11.97 42.35 0.74
C ALA A 58 10.58 41.81 1.05
N GLY A 59 10.12 42.04 2.28
CA GLY A 59 8.72 41.92 2.66
C GLY A 59 8.28 40.48 2.90
N LYS A 60 8.36 39.66 1.83
CA LYS A 60 7.96 38.27 1.87
C LYS A 60 8.86 37.53 2.85
N HIS A 61 8.28 36.53 3.54
CA HIS A 61 9.04 35.62 4.38
C HIS A 61 8.81 34.23 3.82
N VAL A 62 9.87 33.46 3.84
CA VAL A 62 9.83 32.10 3.34
C VAL A 62 10.02 31.06 4.44
N PRO A 63 9.12 30.05 4.50
CA PRO A 63 9.24 28.98 5.51
C PRO A 63 10.53 28.21 5.28
N ARG A 64 11.17 27.85 6.37
CA ARG A 64 12.41 27.10 6.33
C ARG A 64 12.05 25.62 6.38
N ALA A 65 11.38 25.16 5.33
CA ALA A 65 10.78 23.83 5.30
C ALA A 65 11.17 23.03 4.05
N VAL A 66 10.93 21.72 4.12
CA VAL A 66 11.09 20.75 3.06
C VAL A 66 9.79 19.96 2.99
N PHE A 67 9.24 19.79 1.79
CA PHE A 67 7.96 19.11 1.62
C PHE A 67 8.13 18.05 0.56
N VAL A 68 8.07 16.79 0.99
CA VAL A 68 8.39 15.67 0.14
C VAL A 68 7.23 14.68 0.19
N ASP A 69 6.85 14.16 -0.99
CA ASP A 69 5.99 13.01 -1.06
C ASP A 69 6.15 12.40 -2.44
N LEU A 70 6.09 11.08 -2.44
CA LEU A 70 6.15 10.28 -3.63
C LEU A 70 4.81 10.37 -4.36
N GLU A 71 3.71 10.42 -3.58
CA GLU A 71 2.36 10.66 -4.04
C GLU A 71 2.23 12.16 -4.35
N PRO A 72 2.24 12.59 -5.63
CA PRO A 72 2.21 14.03 -5.92
C PRO A 72 0.86 14.62 -5.55
N THR A 73 -0.19 13.79 -5.47
CA THR A 73 -1.57 14.13 -5.12
C THR A 73 -1.66 15.16 -3.99
N VAL A 74 -0.87 14.91 -2.94
CA VAL A 74 -0.93 15.52 -1.62
C VAL A 74 -0.45 16.97 -1.70
N ILE A 75 0.75 17.13 -2.23
CA ILE A 75 1.51 18.37 -2.30
C ILE A 75 0.96 19.22 -3.46
N ASP A 76 0.18 18.58 -4.33
CA ASP A 76 -0.54 19.28 -5.38
C ASP A 76 -1.64 20.11 -4.73
N GLU A 77 -2.23 19.55 -3.67
CA GLU A 77 -3.26 20.22 -2.91
C GLU A 77 -2.66 21.44 -2.22
N VAL A 78 -1.40 21.28 -1.76
CA VAL A 78 -0.64 22.33 -1.14
C VAL A 78 -0.49 23.50 -2.13
N ARG A 79 -0.16 23.18 -3.39
CA ARG A 79 0.21 24.12 -4.45
C ARG A 79 -0.98 24.96 -4.92
N THR A 80 -2.19 24.61 -4.46
CA THR A 80 -3.39 25.30 -4.90
C THR A 80 -4.13 25.92 -3.71
N GLY A 81 -3.76 25.50 -2.48
CA GLY A 81 -4.34 26.02 -1.25
C GLY A 81 -4.07 27.52 -1.08
N THR A 82 -4.62 28.14 -0.03
CA THR A 82 -4.26 29.54 0.21
C THR A 82 -2.82 29.62 0.69
N TYR A 83 -2.41 28.65 1.52
CA TYR A 83 -1.00 28.42 1.79
C TYR A 83 -0.37 27.71 0.59
N ARG A 84 0.28 28.53 -0.24
CA ARG A 84 0.83 28.20 -1.56
C ARG A 84 1.97 29.17 -1.86
N GLN A 85 1.62 30.47 -1.92
CA GLN A 85 2.55 31.52 -2.23
C GLN A 85 3.44 31.77 -1.02
N LEU A 86 3.09 31.20 0.12
CA LEU A 86 3.92 31.33 1.29
C LEU A 86 5.25 30.61 1.11
N PHE A 87 5.22 29.41 0.52
CA PHE A 87 6.42 28.61 0.32
C PHE A 87 7.01 28.85 -1.08
N HIS A 88 8.35 29.06 -1.21
CA HIS A 88 9.02 29.10 -2.52
C HIS A 88 9.00 27.69 -3.06
N PRO A 89 8.65 27.41 -4.34
CA PRO A 89 8.50 26.02 -4.77
C PRO A 89 9.85 25.35 -5.01
N GLU A 90 10.91 25.91 -4.41
CA GLU A 90 12.18 25.22 -4.27
C GLU A 90 11.97 24.00 -3.38
N GLN A 91 11.11 24.20 -2.38
CA GLN A 91 10.81 23.29 -1.29
C GLN A 91 10.03 22.07 -1.77
N LEU A 92 8.86 22.30 -2.39
CA LEU A 92 7.90 21.25 -2.68
C LEU A 92 8.48 20.33 -3.74
N ILE A 93 8.90 19.17 -3.28
CA ILE A 93 9.48 18.17 -4.14
C ILE A 93 8.40 17.16 -4.46
N THR A 94 8.48 16.59 -5.66
CA THR A 94 7.53 15.58 -6.09
C THR A 94 8.29 14.33 -6.51
N GLY A 95 7.63 13.17 -6.34
CA GLY A 95 8.05 11.89 -6.91
C GLY A 95 7.04 11.38 -7.93
N LYS A 96 7.41 10.30 -8.62
CA LYS A 96 6.67 9.82 -9.77
C LYS A 96 5.41 9.07 -9.34
N GLU A 97 5.60 8.10 -8.43
CA GLU A 97 4.58 7.16 -8.00
C GLU A 97 4.69 6.97 -6.49
N ASP A 98 3.57 6.65 -5.83
CA ASP A 98 3.53 6.56 -4.38
C ASP A 98 4.16 5.26 -3.88
N ALA A 99 4.67 5.28 -2.65
CA ALA A 99 5.34 4.17 -2.00
C ALA A 99 4.40 3.00 -1.75
N ALA A 100 3.09 3.30 -1.77
CA ALA A 100 2.01 2.32 -1.69
C ALA A 100 2.22 1.39 -0.50
N ASN A 101 2.45 1.99 0.67
CA ASN A 101 2.55 1.27 1.93
C ASN A 101 3.52 0.10 1.80
N ASN A 102 4.61 0.39 1.10
CA ASN A 102 5.73 -0.52 1.05
C ASN A 102 6.93 0.26 1.57
N TYR A 103 7.64 -0.31 2.55
CA TYR A 103 8.83 0.28 3.14
C TYR A 103 9.99 0.11 2.17
N ALA A 104 9.87 -0.92 1.35
CA ALA A 104 10.91 -1.26 0.41
C ALA A 104 10.85 -0.38 -0.84
N ARG A 105 9.79 0.43 -0.97
CA ARG A 105 9.71 1.37 -2.08
C ARG A 105 10.14 2.74 -1.61
N GLY A 106 9.86 3.01 -0.34
CA GLY A 106 10.24 4.25 0.32
C GLY A 106 11.75 4.32 0.49
N HIS A 107 12.40 3.17 0.73
CA HIS A 107 13.81 3.10 1.06
C HIS A 107 14.66 2.77 -0.16
N TYR A 108 14.35 1.65 -0.83
CA TYR A 108 15.29 1.03 -1.75
C TYR A 108 15.07 1.46 -3.19
N THR A 109 13.81 1.73 -3.59
CA THR A 109 13.45 1.95 -4.99
C THR A 109 13.28 3.45 -5.29
N ILE A 110 12.14 4.02 -4.91
CA ILE A 110 11.75 5.37 -5.31
C ILE A 110 12.47 6.39 -4.42
N GLY A 111 12.88 5.92 -3.25
CA GLY A 111 13.73 6.68 -2.35
C GLY A 111 15.11 6.92 -2.97
N LYS A 112 15.78 5.84 -3.38
CA LYS A 112 17.07 5.94 -4.04
C LYS A 112 16.86 6.38 -5.49
N GLU A 113 16.33 7.61 -5.61
CA GLU A 113 16.04 8.26 -6.86
C GLU A 113 15.84 9.73 -6.51
N ILE A 114 14.79 10.00 -5.72
CA ILE A 114 14.42 11.38 -5.48
C ILE A 114 15.14 11.89 -4.24
N ILE A 115 15.80 10.99 -3.47
CA ILE A 115 16.41 11.37 -2.20
C ILE A 115 17.49 12.43 -2.43
N ASP A 116 18.19 12.28 -3.55
CA ASP A 116 19.39 13.06 -3.80
C ASP A 116 18.97 14.49 -4.06
N LEU A 117 17.89 14.67 -4.83
CA LEU A 117 17.31 15.98 -5.02
C LEU A 117 16.95 16.64 -3.67
N VAL A 118 16.35 15.88 -2.74
CA VAL A 118 15.95 16.37 -1.43
C VAL A 118 17.17 16.76 -0.61
N LEU A 119 18.22 15.93 -0.66
CA LEU A 119 19.45 16.21 0.05
C LEU A 119 20.00 17.57 -0.39
N ASP A 120 19.77 17.89 -1.66
CA ASP A 120 20.20 19.15 -2.24
C ASP A 120 19.45 20.30 -1.57
N ARG A 121 18.13 20.22 -1.56
CA ARG A 121 17.33 21.30 -1.00
C ARG A 121 17.67 21.53 0.49
N ILE A 122 17.87 20.44 1.23
CA ILE A 122 18.26 20.43 2.64
C ILE A 122 19.53 21.24 2.81
N ARG A 123 20.54 20.93 2.00
CA ARG A 123 21.87 21.52 2.07
C ARG A 123 21.76 23.02 1.86
N LYS A 124 20.97 23.43 0.85
CA LYS A 124 20.77 24.83 0.52
C LYS A 124 20.18 25.55 1.74
N LEU A 125 19.13 24.95 2.30
CA LEU A 125 18.48 25.51 3.47
C LEU A 125 19.46 25.59 4.65
N ALA A 126 20.32 24.56 4.81
CA ALA A 126 21.31 24.49 5.87
C ALA A 126 22.28 25.66 5.75
N ASP A 127 22.61 26.02 4.51
CA ASP A 127 23.54 27.10 4.24
C ASP A 127 22.97 28.42 4.75
N GLN A 128 21.65 28.62 4.61
CA GLN A 128 21.00 29.83 5.08
C GLN A 128 21.26 30.02 6.57
N CYS A 129 20.91 29.01 7.38
CA CYS A 129 21.00 29.02 8.84
C CYS A 129 22.40 29.41 9.30
N THR A 130 22.48 30.49 10.09
CA THR A 130 23.72 30.88 10.71
C THR A 130 24.02 29.89 11.84
N GLY A 131 23.08 29.85 12.80
CA GLY A 131 23.04 28.86 13.86
C GLY A 131 21.92 27.86 13.59
N LEU A 132 22.28 26.81 12.85
CA LEU A 132 21.40 25.67 12.65
C LEU A 132 21.26 24.91 13.96
N GLN A 133 20.07 25.02 14.56
CA GLN A 133 19.76 24.31 15.79
C GLN A 133 19.59 22.80 15.56
N GLY A 134 18.57 22.47 14.76
CA GLY A 134 18.27 21.08 14.45
C GLY A 134 17.15 20.93 13.43
N PHE A 135 16.51 19.76 13.48
CA PHE A 135 15.57 19.31 12.48
C PHE A 135 14.30 18.79 13.15
N LEU A 136 13.17 18.87 12.44
CA LEU A 136 11.92 18.23 12.83
C LEU A 136 11.42 17.43 11.64
N VAL A 137 11.07 16.17 11.89
CA VAL A 137 10.78 15.22 10.83
C VAL A 137 9.38 14.68 11.07
N PHE A 138 8.37 15.28 10.45
CA PHE A 138 7.00 14.80 10.47
C PHE A 138 6.88 13.67 9.45
N HIS A 139 6.64 12.46 9.94
CA HIS A 139 6.52 11.28 9.11
C HIS A 139 5.46 10.41 9.77
N SER A 140 5.24 9.23 9.20
CA SER A 140 4.43 8.22 9.87
C SER A 140 5.12 6.86 9.86
N PHE A 141 5.42 6.34 11.04
CA PHE A 141 5.64 4.92 11.19
C PHE A 141 4.40 4.15 10.74
N GLY A 142 4.23 3.90 9.43
CA GLY A 142 3.05 3.15 9.04
C GLY A 142 2.33 3.70 7.81
N GLY A 143 2.88 4.78 7.28
CA GLY A 143 2.77 5.07 5.85
C GLY A 143 3.93 4.43 5.08
N GLY A 144 3.82 4.35 3.76
CA GLY A 144 4.88 3.78 2.95
C GLY A 144 6.05 4.75 2.83
N THR A 145 5.71 6.02 2.55
CA THR A 145 6.69 7.07 2.39
C THR A 145 7.51 7.20 3.66
N GLY A 146 6.80 7.52 4.72
CA GLY A 146 7.49 7.96 5.91
C GLY A 146 8.15 6.81 6.67
N SER A 147 8.06 5.57 6.15
CA SER A 147 8.54 4.41 6.88
C SER A 147 9.95 4.03 6.43
N GLY A 148 10.17 4.06 5.11
CA GLY A 148 11.49 3.80 4.61
C GLY A 148 12.22 5.09 4.30
N PHE A 149 11.50 6.00 3.62
CA PHE A 149 12.11 7.20 3.11
C PHE A 149 12.67 8.03 4.24
N THR A 150 11.86 8.12 5.30
CA THR A 150 12.21 8.88 6.48
C THR A 150 13.52 8.34 7.04
N SER A 151 13.56 7.02 7.22
CA SER A 151 14.75 6.35 7.72
C SER A 151 15.97 6.68 6.86
N LEU A 152 15.81 6.61 5.52
CA LEU A 152 16.84 6.90 4.53
C LEU A 152 17.38 8.32 4.68
N LEU A 153 16.43 9.27 4.73
CA LEU A 153 16.69 10.70 4.90
C LEU A 153 17.49 10.96 6.18
N MET A 154 17.03 10.34 7.28
CA MET A 154 17.62 10.44 8.60
C MET A 154 19.08 10.00 8.52
N GLU A 155 19.31 8.85 7.87
CA GLU A 155 20.62 8.23 7.70
C GLU A 155 21.55 9.21 7.00
N ARG A 156 21.07 9.79 5.91
CA ARG A 156 21.86 10.74 5.14
C ARG A 156 22.23 11.93 6.01
N LEU A 157 21.27 12.44 6.79
CA LEU A 157 21.47 13.63 7.60
C LEU A 157 22.48 13.38 8.72
N SER A 158 22.41 12.18 9.30
CA SER A 158 23.35 11.72 10.31
C SER A 158 24.77 11.69 9.75
N VAL A 159 24.92 11.20 8.51
CA VAL A 159 26.22 11.14 7.84
C VAL A 159 26.74 12.56 7.60
N ASP A 160 25.84 13.49 7.25
CA ASP A 160 26.22 14.86 6.91
C ASP A 160 26.58 15.66 8.15
N TYR A 161 25.69 15.70 9.13
CA TYR A 161 25.77 16.64 10.24
C TYR A 161 26.22 15.95 11.53
N GLY A 162 25.48 14.92 11.94
CA GLY A 162 25.83 14.10 13.09
C GLY A 162 25.45 14.80 14.39
N LYS A 163 26.15 15.89 14.66
CA LYS A 163 26.07 16.61 15.92
C LYS A 163 24.74 17.33 16.05
N LYS A 164 24.11 17.64 14.91
CA LYS A 164 22.91 18.46 14.89
C LYS A 164 21.74 17.72 15.57
N SER A 165 20.79 18.52 16.07
CA SER A 165 19.56 18.09 16.73
C SER A 165 18.57 17.53 15.69
N LYS A 166 17.97 16.36 15.97
CA LYS A 166 16.96 15.74 15.11
C LYS A 166 15.76 15.25 15.90
N LEU A 167 14.57 15.68 15.47
CA LEU A 167 13.30 15.45 16.17
C LEU A 167 12.30 14.82 15.23
N GLU A 168 11.39 14.04 15.83
CA GLU A 168 10.59 13.06 15.10
C GLU A 168 9.17 13.03 15.66
N PHE A 169 8.29 13.74 14.97
CA PHE A 169 6.87 13.69 15.25
C PHE A 169 6.26 12.62 14.37
N SER A 170 6.08 11.46 15.01
CA SER A 170 5.81 10.19 14.36
C SER A 170 4.38 9.79 14.65
N ILE A 171 3.59 9.73 13.57
CA ILE A 171 2.25 9.21 13.71
C ILE A 171 2.36 7.69 13.81
N TYR A 172 2.17 7.22 15.04
CA TYR A 172 2.33 5.83 15.38
C TYR A 172 1.02 5.11 15.09
N PRO A 173 1.07 3.80 14.77
CA PRO A 173 -0.16 2.99 14.63
C PRO A 173 -1.03 2.93 15.88
N ALA A 174 -2.32 3.29 15.75
CA ALA A 174 -3.28 3.06 16.82
C ALA A 174 -3.55 1.56 16.97
N PRO A 175 -3.32 0.93 18.15
CA PRO A 175 -3.49 -0.52 18.29
C PRO A 175 -4.82 -1.07 17.78
N GLN A 176 -5.88 -0.25 17.82
CA GLN A 176 -7.22 -0.67 17.42
C GLN A 176 -7.56 -0.14 16.04
N VAL A 177 -7.48 1.19 15.88
CA VAL A 177 -7.95 1.90 14.70
C VAL A 177 -7.18 1.43 13.48
N SER A 178 -7.88 1.42 12.36
CA SER A 178 -7.43 0.71 11.18
C SER A 178 -7.29 1.72 10.04
N THR A 179 -6.13 1.68 9.40
CA THR A 179 -5.95 2.39 8.16
C THR A 179 -5.54 1.41 7.05
N ALA A 180 -4.55 0.56 7.36
CA ALA A 180 -3.83 -0.15 6.32
C ALA A 180 -3.34 -1.48 6.86
N VAL A 181 -3.37 -2.49 5.98
CA VAL A 181 -3.16 -3.85 6.42
C VAL A 181 -1.69 -4.10 6.76
N VAL A 182 -0.79 -3.55 5.96
CA VAL A 182 0.62 -3.81 6.18
C VAL A 182 1.19 -2.87 7.24
N GLU A 183 0.38 -1.92 7.73
CA GLU A 183 0.80 -0.90 8.69
C GLU A 183 1.79 -1.46 9.72
N PRO A 184 1.50 -2.60 10.39
CA PRO A 184 2.40 -3.18 11.39
C PRO A 184 3.83 -3.51 10.95
N TYR A 185 4.01 -3.94 9.70
CA TYR A 185 5.33 -4.26 9.21
C TYR A 185 6.21 -3.01 9.13
N ASN A 186 5.57 -1.92 8.71
CA ASN A 186 6.23 -0.68 8.34
C ASN A 186 6.86 -0.05 9.57
N SER A 187 6.06 0.03 10.63
CA SER A 187 6.47 0.56 11.92
C SER A 187 7.77 -0.10 12.36
N ILE A 188 7.80 -1.43 12.28
CA ILE A 188 8.89 -2.19 12.84
C ILE A 188 10.17 -1.96 12.04
N LEU A 189 10.01 -1.87 10.72
CA LEU A 189 11.17 -1.58 9.92
C LEU A 189 11.70 -0.18 10.23
N THR A 190 10.77 0.78 10.39
CA THR A 190 11.12 2.15 10.73
C THR A 190 11.91 2.21 12.05
N THR A 191 11.42 1.48 13.05
CA THR A 191 12.00 1.50 14.38
C THR A 191 13.45 1.02 14.35
N HIS A 192 13.70 -0.04 13.58
CA HIS A 192 15.00 -0.65 13.42
C HIS A 192 16.03 0.43 13.11
N THR A 193 15.60 1.37 12.27
CA THR A 193 16.49 2.29 11.61
C THR A 193 16.43 3.65 12.30
N THR A 194 15.23 4.07 12.72
CA THR A 194 14.98 5.39 13.29
C THR A 194 15.67 5.60 14.64
N LEU A 195 15.48 4.66 15.55
CA LEU A 195 15.91 4.76 16.94
C LEU A 195 17.42 5.04 17.02
N GLU A 196 18.20 4.64 16.01
CA GLU A 196 19.65 4.80 16.04
C GLU A 196 20.08 6.03 15.23
N HIS A 197 19.15 6.98 15.04
CA HIS A 197 19.48 8.23 14.36
C HIS A 197 18.87 9.40 15.13
N SER A 198 17.53 9.44 15.19
CA SER A 198 16.76 10.47 15.88
C SER A 198 17.00 10.42 17.38
N ASP A 199 17.55 11.51 17.91
CA ASP A 199 17.92 11.59 19.32
C ASP A 199 16.67 11.75 20.18
N CYS A 200 15.55 12.05 19.53
CA CYS A 200 14.33 12.20 20.28
C CYS A 200 13.12 12.12 19.37
N ALA A 201 12.06 11.42 19.86
CA ALA A 201 10.93 10.97 19.05
C ALA A 201 9.62 11.04 19.82
N PHE A 202 8.86 12.11 19.58
CA PHE A 202 7.56 12.33 20.18
C PHE A 202 6.51 11.64 19.33
N MET A 203 5.91 10.57 19.87
CA MET A 203 5.04 9.72 19.07
C MET A 203 3.59 9.84 19.51
N VAL A 204 2.71 10.20 18.57
CA VAL A 204 1.30 10.39 18.82
C VAL A 204 0.54 9.45 17.89
N ASP A 205 -0.38 8.65 18.44
CA ASP A 205 -1.28 7.82 17.64
C ASP A 205 -2.64 8.52 17.54
N ASN A 206 -3.40 8.21 16.49
CA ASN A 206 -4.58 9.01 16.16
C ASN A 206 -5.77 8.71 17.08
N GLU A 207 -5.86 7.48 17.55
CA GLU A 207 -6.99 7.04 18.36
C GLU A 207 -7.06 7.86 19.63
N ALA A 208 -5.93 8.02 20.30
CA ALA A 208 -5.89 8.79 21.53
C ALA A 208 -6.32 10.24 21.25
N ILE A 209 -5.86 10.77 20.12
CA ILE A 209 -6.19 12.15 19.76
C ILE A 209 -7.69 12.25 19.53
N TYR A 210 -8.25 11.23 18.89
CA TYR A 210 -9.68 11.17 18.64
C TYR A 210 -10.45 11.18 19.97
N ASP A 211 -9.95 10.39 20.94
CA ASP A 211 -10.55 10.35 22.27
C ASP A 211 -10.60 11.76 22.82
N ILE A 212 -9.47 12.47 22.70
CA ILE A 212 -9.34 13.83 23.21
C ILE A 212 -10.30 14.77 22.49
N CYS A 213 -10.51 14.53 21.20
CA CYS A 213 -11.39 15.37 20.40
C CYS A 213 -12.83 15.25 20.87
N ARG A 214 -13.24 14.01 21.19
CA ARG A 214 -14.65 13.70 21.43
C ARG A 214 -15.06 14.21 22.82
N ARG A 215 -14.21 13.93 23.80
CA ARG A 215 -14.51 14.08 25.22
C ARG A 215 -14.36 15.56 25.58
N ASN A 216 -13.14 16.11 25.39
CA ASN A 216 -12.80 17.39 25.98
C ASN A 216 -13.35 18.55 25.15
N LEU A 217 -13.56 18.34 23.86
CA LEU A 217 -13.98 19.45 23.03
C LEU A 217 -15.43 19.30 22.62
N ASP A 218 -16.01 18.13 22.93
CA ASP A 218 -17.40 17.77 22.65
C ASP A 218 -17.65 17.72 21.14
N ILE A 219 -16.63 17.37 20.37
CA ILE A 219 -16.78 17.34 18.93
C ILE A 219 -17.12 15.91 18.51
N GLU A 220 -18.22 15.75 17.75
CA GLU A 220 -18.73 14.43 17.40
C GLU A 220 -18.27 13.97 16.01
N ARG A 221 -17.64 14.88 15.26
CA ARG A 221 -17.06 14.60 13.96
C ARG A 221 -15.58 15.01 13.91
N PRO A 222 -14.63 14.20 14.48
CA PRO A 222 -13.21 14.53 14.44
C PRO A 222 -12.60 14.27 13.07
N THR A 223 -12.42 15.35 12.29
CA THR A 223 -11.80 15.33 10.98
C THR A 223 -10.28 15.28 11.16
N TYR A 224 -9.57 14.97 10.06
CA TYR A 224 -8.13 14.91 10.14
C TYR A 224 -7.55 16.27 10.48
N THR A 225 -8.19 17.32 9.94
CA THR A 225 -7.81 18.72 10.12
C THR A 225 -7.70 19.05 11.62
N ASN A 226 -8.76 18.73 12.34
CA ASN A 226 -8.86 19.07 13.75
C ASN A 226 -7.82 18.30 14.54
N LEU A 227 -7.78 16.98 14.30
CA LEU A 227 -6.78 16.10 14.90
C LEU A 227 -5.37 16.64 14.67
N ASN A 228 -5.14 17.27 13.51
CA ASN A 228 -3.84 17.81 13.12
C ASN A 228 -3.52 19.11 13.85
N ARG A 229 -4.51 19.99 14.00
CA ARG A 229 -4.29 21.26 14.67
C ARG A 229 -3.77 21.01 16.09
N LEU A 230 -4.37 20.03 16.77
CA LEU A 230 -3.94 19.60 18.10
C LEU A 230 -2.48 19.14 18.08
N ILE A 231 -2.12 18.28 17.11
CA ILE A 231 -0.76 17.78 17.03
C ILE A 231 0.21 18.95 16.86
N SER A 232 -0.21 19.92 16.06
CA SER A 232 0.65 21.04 15.72
C SER A 232 0.89 21.96 16.92
N GLN A 233 -0.10 22.05 17.80
CA GLN A 233 0.02 22.89 18.97
C GLN A 233 0.98 22.28 19.97
N ILE A 234 1.22 20.96 19.88
CA ILE A 234 2.24 20.28 20.67
C ILE A 234 3.61 20.81 20.30
N VAL A 235 3.80 21.03 19.00
CA VAL A 235 5.09 21.40 18.44
C VAL A 235 5.36 22.87 18.69
N SER A 236 4.32 23.70 18.71
CA SER A 236 4.47 25.14 18.88
C SER A 236 5.05 25.45 20.25
N SER A 237 4.55 24.74 21.27
CA SER A 237 5.05 24.88 22.63
C SER A 237 6.51 24.45 22.75
N ILE A 238 6.90 23.35 22.08
CA ILE A 238 8.26 22.81 22.11
C ILE A 238 9.19 23.86 21.55
N THR A 239 8.72 24.53 20.49
CA THR A 239 9.51 25.55 19.83
C THR A 239 9.56 26.81 20.66
N ALA A 240 8.40 27.41 20.95
CA ALA A 240 8.28 28.78 21.47
C ALA A 240 9.40 29.24 22.42
N SER A 241 9.98 28.30 23.23
CA SER A 241 11.19 28.51 24.01
C SER A 241 12.34 29.05 23.13
N LEU A 242 12.44 28.58 21.86
CA LEU A 242 13.38 29.04 20.82
C LEU A 242 12.85 30.31 20.20
N ARG A 243 11.56 30.25 19.92
CA ARG A 243 10.86 31.22 19.11
C ARG A 243 10.60 32.46 19.93
N PHE A 244 10.68 32.35 21.25
CA PHE A 244 10.24 33.46 22.10
C PHE A 244 11.15 33.67 23.30
N ASP A 245 10.87 34.79 23.98
CA ASP A 245 11.50 35.37 25.17
C ASP A 245 11.00 34.59 26.39
N GLY A 246 11.56 34.85 27.59
CA GLY A 246 10.97 34.37 28.84
C GLY A 246 11.99 33.69 29.75
N ALA A 247 11.64 33.53 31.04
CA ALA A 247 12.47 32.89 32.05
C ALA A 247 12.61 31.41 31.70
N LEU A 248 13.75 30.78 32.04
CA LEU A 248 13.89 29.33 31.98
C LEU A 248 13.77 28.79 30.55
N ASN A 249 14.18 29.52 29.51
CA ASN A 249 13.86 29.14 28.13
C ASN A 249 14.51 27.81 27.77
N VAL A 250 13.78 26.86 27.14
CA VAL A 250 14.35 25.55 26.80
C VAL A 250 14.81 25.55 25.35
N ASP A 251 15.73 24.64 25.02
CA ASP A 251 16.29 24.48 23.70
C ASP A 251 16.02 23.05 23.27
N LEU A 252 16.17 22.80 21.97
CA LEU A 252 15.98 21.46 21.44
C LEU A 252 16.95 20.50 22.11
N THR A 253 18.21 20.95 22.26
CA THR A 253 19.28 20.19 22.89
C THR A 253 18.93 19.87 24.33
N GLU A 254 18.23 20.80 24.97
CA GLU A 254 17.83 20.63 26.35
C GLU A 254 16.91 19.42 26.52
N PHE A 255 15.91 19.28 25.64
CA PHE A 255 15.06 18.11 25.72
C PHE A 255 15.90 16.85 25.64
N GLN A 256 16.66 16.73 24.55
CA GLN A 256 17.53 15.59 24.34
C GLN A 256 18.28 15.26 25.63
N THR A 257 18.82 16.30 26.27
CA THR A 257 19.64 16.15 27.46
C THR A 257 18.78 15.79 28.66
N ASN A 258 17.55 16.30 28.69
CA ASN A 258 16.66 16.17 29.83
C ASN A 258 15.96 14.81 29.85
N LEU A 259 15.41 14.47 28.67
CA LEU A 259 14.35 13.50 28.50
C LEU A 259 14.93 12.33 27.74
N VAL A 260 16.14 11.93 28.09
CA VAL A 260 16.77 10.74 27.55
C VAL A 260 17.64 10.20 28.66
N PRO A 261 17.03 9.59 29.70
CA PRO A 261 17.78 9.18 30.89
C PRO A 261 18.92 8.24 30.50
N TYR A 262 18.67 7.29 29.58
CA TYR A 262 19.69 6.45 28.98
C TYR A 262 19.69 6.78 27.49
N PRO A 263 20.88 6.89 26.83
CA PRO A 263 20.97 7.30 25.41
C PRO A 263 20.13 6.52 24.38
N ARG A 264 19.77 5.27 24.72
CA ARG A 264 18.91 4.46 23.87
C ARG A 264 17.45 4.88 23.99
N ILE A 265 16.93 5.02 25.20
CA ILE A 265 15.49 5.20 25.30
C ILE A 265 15.13 6.66 25.19
N HIS A 266 14.41 6.98 24.13
CA HIS A 266 13.97 8.35 24.01
C HIS A 266 12.66 8.42 23.26
N PHE A 267 11.61 8.00 23.96
CA PHE A 267 10.32 8.09 23.34
C PHE A 267 9.32 8.79 24.26
N PRO A 268 9.42 10.13 24.46
CA PRO A 268 8.49 10.86 25.32
C PRO A 268 7.11 10.93 24.68
N LEU A 269 6.09 10.81 25.53
CA LEU A 269 4.70 11.05 25.14
C LEU A 269 4.46 12.55 25.25
N ALA A 270 3.37 13.03 24.67
CA ALA A 270 3.06 14.46 24.69
C ALA A 270 1.58 14.66 25.05
N THR A 271 1.28 15.67 25.88
CA THR A 271 -0.12 16.02 26.15
C THR A 271 -0.23 17.54 26.14
N TYR A 272 -1.18 18.08 25.38
CA TYR A 272 -1.30 19.52 25.30
C TYR A 272 -2.64 19.96 25.89
N ALA A 273 -2.62 20.37 27.15
CA ALA A 273 -3.79 20.96 27.79
C ALA A 273 -3.67 22.49 27.71
N PRO A 274 -4.73 23.28 28.00
CA PRO A 274 -6.10 22.81 28.02
C PRO A 274 -6.60 22.59 26.59
N VAL A 275 -7.49 21.61 26.48
CA VAL A 275 -8.12 21.20 25.23
C VAL A 275 -9.61 21.56 25.31
N ILE A 276 -9.88 22.87 25.23
CA ILE A 276 -11.14 23.41 25.72
C ILE A 276 -11.76 24.28 24.64
N SER A 277 -13.04 23.95 24.37
CA SER A 277 -13.91 24.52 23.36
C SER A 277 -14.36 25.95 23.71
N ALA A 278 -15.32 26.47 22.93
CA ALA A 278 -15.85 27.81 23.10
C ALA A 278 -16.74 27.89 24.33
N GLU A 279 -17.47 26.79 24.59
CA GLU A 279 -18.29 26.66 25.78
C GLU A 279 -17.37 26.62 27.00
N LYS A 280 -16.51 25.60 26.98
CA LYS A 280 -15.79 25.15 28.16
C LYS A 280 -14.82 26.20 28.71
N ALA A 281 -14.67 27.33 27.99
CA ALA A 281 -13.93 28.54 28.36
C ALA A 281 -14.53 29.19 29.61
N TYR A 282 -15.84 29.41 29.57
CA TYR A 282 -16.67 29.75 30.72
C TYR A 282 -16.97 28.43 31.42
N HIS A 283 -17.62 28.44 32.59
CA HIS A 283 -17.61 27.24 33.40
C HIS A 283 -16.17 26.78 33.69
N GLU A 284 -15.22 27.70 33.52
CA GLU A 284 -13.83 27.41 33.77
C GLU A 284 -13.12 28.73 34.08
N GLN A 285 -11.98 28.64 34.82
CA GLN A 285 -11.13 29.76 35.19
C GLN A 285 -9.65 29.59 34.77
N LEU A 286 -9.24 28.37 34.35
CA LEU A 286 -7.97 28.10 33.67
C LEU A 286 -6.74 28.50 34.50
N SER A 287 -6.66 28.04 35.77
CA SER A 287 -5.52 28.34 36.62
C SER A 287 -4.30 27.54 36.20
N VAL A 288 -3.14 27.97 36.70
CA VAL A 288 -1.88 27.37 36.31
C VAL A 288 -1.87 25.90 36.74
N ALA A 289 -2.34 25.64 37.97
CA ALA A 289 -2.23 24.35 38.62
C ALA A 289 -3.32 23.39 38.14
N GLU A 290 -4.45 23.96 37.70
CA GLU A 290 -5.53 23.24 37.03
C GLU A 290 -4.96 22.50 35.83
N ILE A 291 -4.16 23.24 35.06
CA ILE A 291 -3.69 22.82 33.76
C ILE A 291 -2.60 21.75 33.92
N THR A 292 -1.93 21.75 35.07
CA THR A 292 -0.86 20.80 35.36
C THR A 292 -1.46 19.40 35.56
N ASN A 293 -2.49 19.37 36.41
CA ASN A 293 -3.26 18.17 36.76
C ASN A 293 -3.82 17.54 35.49
N ALA A 294 -4.39 18.40 34.63
CA ALA A 294 -5.00 18.02 33.38
C ALA A 294 -3.99 17.27 32.51
N CYS A 295 -2.75 17.78 32.51
CA CYS A 295 -1.70 17.22 31.70
C CYS A 295 -1.36 15.80 32.16
N PHE A 296 -1.36 15.60 33.48
CA PHE A 296 -0.98 14.32 34.02
C PHE A 296 -2.10 13.30 33.95
N GLU A 297 -3.27 13.69 33.40
CA GLU A 297 -4.46 12.87 33.34
C GLU A 297 -4.22 11.65 32.45
N PRO A 298 -4.56 10.40 32.89
CA PRO A 298 -4.40 9.20 32.06
C PRO A 298 -5.08 9.21 30.71
N ALA A 299 -6.18 9.97 30.63
CA ALA A 299 -7.02 10.10 29.46
C ALA A 299 -6.45 11.08 28.45
N ASN A 300 -5.71 12.10 28.94
CA ASN A 300 -5.25 13.20 28.11
C ASN A 300 -3.93 12.91 27.39
N GLN A 301 -3.32 11.73 27.59
CA GLN A 301 -2.11 11.32 26.89
C GLN A 301 -2.40 11.21 25.41
N MET A 302 -1.48 11.67 24.56
CA MET A 302 -1.69 11.68 23.11
C MET A 302 -1.21 10.36 22.51
N VAL A 303 -1.06 9.35 23.37
CA VAL A 303 -0.94 7.96 22.96
C VAL A 303 -1.98 7.12 23.69
N LYS A 304 -2.23 5.94 23.11
CA LYS A 304 -3.05 4.89 23.69
C LYS A 304 -2.15 4.07 24.61
N CYS A 305 -1.84 4.74 25.72
CA CYS A 305 -1.03 4.23 26.79
C CYS A 305 -1.55 4.84 28.09
N ASP A 306 -1.63 3.98 29.10
CA ASP A 306 -1.98 4.35 30.45
C ASP A 306 -0.67 4.56 31.22
N PRO A 307 -0.39 5.79 31.69
CA PRO A 307 0.90 6.09 32.31
C PRO A 307 1.10 5.42 33.67
N ARG A 308 0.03 4.86 34.22
CA ARG A 308 0.07 4.28 35.55
C ARG A 308 0.58 2.84 35.47
N HIS A 309 0.81 2.35 34.25
CA HIS A 309 1.22 0.96 34.04
C HIS A 309 2.74 0.87 33.91
N GLY A 310 3.42 1.75 34.66
CA GLY A 310 4.87 1.89 34.68
C GLY A 310 5.27 3.03 35.62
N LYS A 311 6.28 3.82 35.22
CA LYS A 311 6.79 4.93 36.01
C LYS A 311 7.29 6.03 35.06
N TYR A 312 6.80 7.26 35.22
CA TYR A 312 7.35 8.37 34.45
C TYR A 312 8.85 8.49 34.77
N MET A 313 9.72 8.26 33.78
CA MET A 313 11.17 8.25 34.00
C MET A 313 11.70 9.66 34.24
N ALA A 314 11.27 10.62 33.41
CA ALA A 314 11.65 12.02 33.47
C ALA A 314 10.73 12.82 32.57
N CYS A 315 10.27 13.95 33.10
CA CYS A 315 9.16 14.72 32.57
C CYS A 315 9.58 16.17 32.28
N CYS A 316 8.99 16.77 31.26
CA CYS A 316 9.20 18.18 31.03
C CYS A 316 7.88 18.86 30.67
N LEU A 317 7.74 20.13 31.11
CA LEU A 317 6.51 20.90 31.04
C LEU A 317 6.83 22.31 30.51
N LEU A 318 6.11 22.74 29.47
CA LEU A 318 6.47 23.95 28.74
C LEU A 318 5.33 24.96 28.78
N TYR A 319 5.17 25.59 29.94
CA TYR A 319 4.07 26.52 30.22
C TYR A 319 4.23 27.74 29.32
N ARG A 320 3.10 28.32 28.95
CA ARG A 320 3.10 29.44 28.02
C ARG A 320 2.08 30.47 28.46
N GLY A 321 2.28 31.70 27.96
CA GLY A 321 1.37 32.79 28.28
C GLY A 321 1.60 33.34 29.69
N ASP A 322 0.51 33.61 30.41
CA ASP A 322 0.62 34.20 31.74
C ASP A 322 0.85 33.11 32.79
N VAL A 323 2.07 32.55 32.80
CA VAL A 323 2.46 31.57 33.82
C VAL A 323 3.55 32.21 34.67
N VAL A 324 3.35 32.15 35.99
CA VAL A 324 4.28 32.62 37.00
C VAL A 324 4.90 31.41 37.70
N PRO A 325 6.23 31.42 37.94
CA PRO A 325 7.00 30.22 38.30
C PRO A 325 6.56 29.50 39.56
N LYS A 326 6.37 30.23 40.65
CA LYS A 326 6.09 29.62 41.95
C LYS A 326 4.82 28.78 41.85
N ASP A 327 3.79 29.36 41.25
CA ASP A 327 2.52 28.67 41.09
C ASP A 327 2.82 27.30 40.52
N VAL A 328 3.62 27.29 39.45
CA VAL A 328 4.06 26.06 38.81
C VAL A 328 4.76 25.18 39.85
N ASN A 329 5.54 25.81 40.73
CA ASN A 329 6.41 25.04 41.61
C ASN A 329 5.58 24.33 42.67
N ALA A 330 4.45 24.93 43.04
CA ALA A 330 3.54 24.40 44.06
C ALA A 330 2.74 23.22 43.53
N ALA A 331 2.24 23.39 42.29
CA ALA A 331 1.54 22.33 41.59
C ALA A 331 2.44 21.09 41.52
N ILE A 332 3.74 21.31 41.27
CA ILE A 332 4.70 20.25 41.12
C ILE A 332 4.94 19.53 42.43
N ALA A 333 4.99 20.29 43.53
CA ALA A 333 5.06 19.75 44.88
C ALA A 333 3.94 18.74 45.07
N THR A 334 2.71 19.18 44.74
CA THR A 334 1.46 18.44 44.85
C THR A 334 1.61 17.13 44.07
N ILE A 335 2.15 17.25 42.87
CA ILE A 335 2.27 16.14 41.94
C ILE A 335 3.22 15.10 42.51
N LYS A 336 4.34 15.58 43.03
CA LYS A 336 5.32 14.71 43.65
C LYS A 336 4.71 13.96 44.83
N THR A 337 3.87 14.68 45.60
CA THR A 337 3.20 14.17 46.79
C THR A 337 2.35 12.94 46.46
N LYS A 338 1.56 13.02 45.38
CA LYS A 338 0.65 11.93 45.01
C LYS A 338 1.47 10.69 44.72
N ARG A 339 1.21 9.62 45.48
CA ARG A 339 2.05 8.44 45.39
C ARG A 339 1.54 7.52 44.28
N THR A 340 0.32 7.79 43.80
CA THR A 340 -0.30 7.07 42.68
C THR A 340 0.61 7.19 41.46
N ILE A 341 0.80 8.45 41.04
CA ILE A 341 1.62 8.84 39.92
C ILE A 341 3.05 8.48 40.29
N GLN A 342 3.46 7.29 39.85
CA GLN A 342 4.72 6.70 40.24
C GLN A 342 5.87 7.38 39.49
N PHE A 343 6.99 7.59 40.21
CA PHE A 343 8.23 8.09 39.64
C PHE A 343 9.31 7.02 39.78
N VAL A 344 10.40 7.20 39.02
CA VAL A 344 11.48 6.26 39.18
C VAL A 344 12.27 6.65 40.41
N ASP A 345 12.64 5.60 41.15
CA ASP A 345 13.34 5.62 42.42
C ASP A 345 14.53 6.58 42.31
N TRP A 346 15.29 6.39 41.23
CA TRP A 346 16.69 6.78 41.20
C TRP A 346 16.95 8.20 40.69
N CYS A 347 15.93 8.87 40.14
CA CYS A 347 16.10 10.29 39.95
C CYS A 347 14.96 11.02 40.65
N PRO A 348 15.28 11.78 41.73
CA PRO A 348 14.29 12.44 42.57
C PRO A 348 13.44 13.51 41.90
N THR A 349 14.12 14.47 41.27
CA THR A 349 13.42 15.54 40.61
C THR A 349 13.40 15.21 39.12
N GLY A 350 12.21 14.90 38.64
CA GLY A 350 12.03 14.56 37.25
C GLY A 350 11.16 15.56 36.53
N PHE A 351 11.59 16.85 36.53
CA PHE A 351 10.95 17.94 35.78
C PHE A 351 11.97 18.95 35.27
N LYS A 352 11.67 19.51 34.09
CA LYS A 352 12.16 20.85 33.78
C LYS A 352 10.98 21.70 33.35
N VAL A 353 11.06 22.94 33.79
CA VAL A 353 9.98 23.88 33.59
C VAL A 353 10.49 25.00 32.72
N GLY A 354 9.76 25.26 31.65
CA GLY A 354 10.06 26.45 30.88
C GLY A 354 8.82 27.32 30.78
N ILE A 355 9.02 28.58 31.14
CA ILE A 355 7.95 29.55 31.17
C ILE A 355 8.15 30.62 30.10
N ASN A 356 7.19 30.74 29.18
CA ASN A 356 7.35 31.62 28.04
C ASN A 356 6.21 32.61 28.01
N TYR A 357 6.58 33.86 27.76
CA TYR A 357 5.65 34.96 27.89
C TYR A 357 4.62 34.93 26.78
N GLN A 358 4.98 34.32 25.66
CA GLN A 358 4.08 34.09 24.55
C GLN A 358 3.02 33.06 24.94
N PRO A 359 1.70 33.37 24.84
CA PRO A 359 0.65 32.36 24.96
C PRO A 359 0.36 31.70 23.62
N PRO A 360 -0.24 30.48 23.56
CA PRO A 360 -0.66 29.91 22.27
C PRO A 360 -1.78 30.75 21.67
N THR A 361 -1.69 30.96 20.36
CA THR A 361 -2.68 31.71 19.61
C THR A 361 -3.36 30.74 18.66
N VAL A 362 -4.68 30.75 18.70
CA VAL A 362 -5.47 29.69 18.12
C VAL A 362 -6.00 30.10 16.76
N VAL A 363 -6.01 29.07 15.89
CA VAL A 363 -6.34 29.07 14.49
C VAL A 363 -7.80 29.45 14.29
N PRO A 364 -8.09 30.47 13.45
CA PRO A 364 -9.44 30.72 12.94
C PRO A 364 -10.12 29.46 12.39
N GLY A 365 -11.38 29.27 12.81
CA GLY A 365 -12.21 28.13 12.45
C GLY A 365 -11.66 26.81 12.99
N GLY A 366 -11.47 26.75 14.31
CA GLY A 366 -10.79 25.62 14.91
C GLY A 366 -11.47 25.10 16.18
N ASP A 367 -10.79 24.13 16.80
CA ASP A 367 -11.21 23.42 17.99
C ASP A 367 -11.21 24.36 19.18
N LEU A 368 -10.08 25.06 19.38
CA LEU A 368 -9.73 25.63 20.67
C LEU A 368 -10.17 27.09 20.75
N ALA A 369 -10.35 27.53 22.00
CA ALA A 369 -10.56 28.94 22.30
C ALA A 369 -9.32 29.44 23.03
N LYS A 370 -9.21 30.76 23.17
CA LYS A 370 -8.08 31.46 23.76
C LYS A 370 -7.87 31.01 25.20
N VAL A 371 -6.90 30.11 25.39
CA VAL A 371 -6.49 29.65 26.71
C VAL A 371 -5.24 30.45 27.12
N GLN A 372 -5.36 31.19 28.23
CA GLN A 372 -4.34 32.15 28.64
C GLN A 372 -3.10 31.41 29.09
N ARG A 373 -3.34 30.25 29.68
CA ARG A 373 -2.27 29.39 30.11
C ARG A 373 -2.40 28.07 29.39
N ALA A 374 -1.26 27.49 29.06
CA ALA A 374 -1.24 26.17 28.45
C ALA A 374 0.09 25.52 28.78
N VAL A 375 0.13 24.21 28.58
CA VAL A 375 1.30 23.40 28.91
C VAL A 375 1.35 22.14 28.06
N CYS A 376 2.44 22.00 27.30
CA CYS A 376 2.75 20.71 26.70
C CYS A 376 3.74 19.93 27.56
N MET A 377 3.23 18.90 28.19
CA MET A 377 4.05 17.97 28.94
C MET A 377 4.60 16.88 28.04
N LEU A 378 5.93 16.87 27.88
CA LEU A 378 6.59 15.80 27.17
C LEU A 378 7.23 14.86 28.19
N SER A 379 6.56 13.75 28.44
CA SER A 379 6.96 12.89 29.54
C SER A 379 7.37 11.52 29.03
N ASN A 380 8.59 11.08 29.37
CA ASN A 380 8.92 9.68 29.14
C ASN A 380 8.33 8.85 30.26
N THR A 381 7.97 7.61 29.89
CA THR A 381 7.42 6.61 30.78
C THR A 381 7.88 5.24 30.29
N THR A 382 7.94 4.29 31.21
CA THR A 382 8.23 2.92 30.87
C THR A 382 6.96 2.28 30.32
N ALA A 383 5.85 3.03 30.41
CA ALA A 383 4.51 2.54 30.16
C ALA A 383 4.23 2.45 28.66
N ILE A 384 5.10 3.09 27.86
CA ILE A 384 4.96 3.03 26.42
C ILE A 384 5.36 1.63 25.93
N ALA A 385 5.98 0.83 26.82
CA ALA A 385 6.41 -0.53 26.51
C ALA A 385 5.21 -1.42 26.21
N GLU A 386 4.02 -0.96 26.60
CA GLU A 386 2.79 -1.69 26.35
C GLU A 386 2.39 -1.58 24.87
N ALA A 387 2.60 -0.41 24.26
CA ALA A 387 2.18 -0.15 22.88
C ALA A 387 3.15 -0.82 21.91
N TRP A 388 4.41 -1.01 22.36
CA TRP A 388 5.47 -1.69 21.61
C TRP A 388 5.13 -3.17 21.51
N ALA A 389 4.80 -3.77 22.64
CA ALA A 389 4.46 -5.18 22.77
C ALA A 389 3.31 -5.54 21.84
N ARG A 390 2.26 -4.72 21.88
CA ARG A 390 1.05 -4.89 21.09
C ARG A 390 1.44 -5.00 19.62
N LEU A 391 2.27 -4.06 19.19
CA LEU A 391 2.63 -3.98 17.80
C LEU A 391 3.50 -5.16 17.41
N ASP A 392 4.43 -5.55 18.30
CA ASP A 392 5.28 -6.71 18.10
C ASP A 392 4.41 -7.94 17.83
N HIS A 393 3.33 -8.05 18.62
CA HIS A 393 2.39 -9.16 18.54
C HIS A 393 1.67 -9.17 17.19
N LYS A 394 1.17 -8.01 16.76
CA LYS A 394 0.45 -7.90 15.50
C LYS A 394 1.35 -8.38 14.36
N PHE A 395 2.60 -7.94 14.42
CA PHE A 395 3.59 -8.30 13.43
C PHE A 395 3.89 -9.79 13.46
N ASP A 396 4.12 -10.36 14.66
CA ASP A 396 4.44 -11.77 14.81
C ASP A 396 3.35 -12.65 14.20
N LEU A 397 2.10 -12.25 14.40
CA LEU A 397 0.92 -12.96 13.92
C LEU A 397 0.93 -13.03 12.40
N MET A 398 1.15 -11.89 11.74
CA MET A 398 1.14 -11.86 10.30
C MET A 398 2.43 -12.44 9.70
N TYR A 399 3.56 -12.36 10.43
CA TYR A 399 4.82 -12.86 9.92
C TYR A 399 4.99 -14.36 10.21
N ALA A 400 4.08 -14.91 11.02
CA ALA A 400 3.95 -16.36 11.16
C ALA A 400 3.51 -16.98 9.83
N LYS A 401 2.54 -16.34 9.14
CA LYS A 401 2.05 -16.78 7.83
C LYS A 401 2.95 -16.24 6.72
N ARG A 402 3.82 -15.26 7.03
CA ARG A 402 4.72 -14.64 6.06
C ARG A 402 3.89 -13.94 4.98
N ALA A 403 2.91 -13.12 5.41
CA ALA A 403 1.93 -12.52 4.52
C ALA A 403 2.44 -11.16 4.07
N PHE A 404 2.20 -10.88 2.80
CA PHE A 404 2.61 -9.64 2.17
C PHE A 404 4.13 -9.58 2.09
N VAL A 405 4.76 -10.75 2.26
CA VAL A 405 6.20 -10.90 2.22
C VAL A 405 6.70 -10.54 0.82
N HIS A 406 5.94 -10.98 -0.20
CA HIS A 406 6.34 -10.94 -1.60
C HIS A 406 6.52 -9.51 -2.07
N TRP A 407 5.60 -8.65 -1.65
CA TRP A 407 5.61 -7.24 -2.01
C TRP A 407 6.97 -6.62 -1.72
N TYR A 408 7.43 -6.82 -0.47
CA TYR A 408 8.57 -6.12 0.10
C TYR A 408 9.85 -6.67 -0.50
N VAL A 409 9.99 -8.00 -0.43
CA VAL A 409 11.17 -8.72 -0.87
C VAL A 409 11.50 -8.28 -2.29
N GLY A 410 10.49 -8.30 -3.16
CA GLY A 410 10.74 -8.04 -4.57
C GLY A 410 11.06 -6.58 -4.81
N GLU A 411 11.30 -5.83 -3.73
CA GLU A 411 11.50 -4.40 -3.85
C GLU A 411 12.85 -3.98 -3.26
N GLY A 412 13.72 -4.96 -3.01
CA GLY A 412 15.07 -4.70 -2.57
C GLY A 412 15.25 -4.85 -1.06
N MET A 413 14.63 -5.88 -0.48
CA MET A 413 14.64 -6.05 0.96
C MET A 413 15.18 -7.43 1.29
N GLU A 414 15.35 -7.64 2.60
CA GLU A 414 15.83 -8.87 3.18
C GLU A 414 14.72 -9.43 4.08
N GLU A 415 14.47 -10.73 3.95
CA GLU A 415 13.61 -11.42 4.91
C GLU A 415 14.22 -11.37 6.31
N GLY A 416 15.55 -11.53 6.39
CA GLY A 416 16.30 -11.47 7.63
C GLY A 416 16.17 -10.12 8.35
N GLU A 417 15.86 -9.05 7.58
CA GLU A 417 15.68 -7.72 8.13
C GLU A 417 14.48 -7.68 9.06
N PHE A 418 13.46 -8.48 8.73
CA PHE A 418 12.25 -8.61 9.53
C PHE A 418 12.57 -9.20 10.90
N SER A 419 13.44 -10.22 10.92
CA SER A 419 13.80 -10.96 12.12
C SER A 419 14.59 -10.09 13.10
N GLU A 420 15.63 -9.43 12.56
CA GLU A 420 16.53 -8.51 13.26
C GLU A 420 15.75 -7.35 13.90
N ALA A 421 14.74 -6.85 13.18
CA ALA A 421 13.89 -5.76 13.64
C ALA A 421 13.19 -6.16 14.93
N ARG A 422 12.60 -7.37 14.96
CA ARG A 422 11.96 -7.87 16.16
C ARG A 422 12.97 -7.97 17.29
N GLU A 423 14.14 -8.57 17.02
CA GLU A 423 15.23 -8.71 17.98
C GLU A 423 15.50 -7.36 18.65
N ASP A 424 15.56 -6.30 17.84
CA ASP A 424 15.81 -4.94 18.30
C ASP A 424 14.71 -4.51 19.26
N MET A 425 13.47 -4.84 18.89
CA MET A 425 12.31 -4.49 19.68
C MET A 425 12.36 -5.18 21.03
N ALA A 426 12.75 -6.46 21.02
CA ALA A 426 12.90 -7.25 22.23
C ALA A 426 13.90 -6.58 23.16
N ALA A 427 15.05 -6.17 22.59
CA ALA A 427 16.11 -5.47 23.31
C ALA A 427 15.57 -4.20 23.97
N LEU A 428 14.81 -3.41 23.20
CA LEU A 428 14.22 -2.14 23.64
C LEU A 428 13.34 -2.37 24.86
N GLU A 429 12.46 -3.37 24.73
CA GLU A 429 11.49 -3.73 25.74
C GLU A 429 12.20 -4.13 27.02
N LYS A 430 13.24 -4.96 26.87
CA LYS A 430 14.11 -5.44 27.94
C LYS A 430 14.74 -4.25 28.68
N ASP A 431 15.22 -3.26 27.92
CA ASP A 431 15.85 -2.05 28.46
C ASP A 431 14.87 -1.28 29.34
N TYR A 432 13.64 -1.13 28.86
CA TYR A 432 12.62 -0.41 29.60
C TYR A 432 12.26 -1.10 30.91
N GLU A 433 12.13 -2.44 30.84
CA GLU A 433 11.95 -3.31 31.99
C GLU A 433 13.04 -3.04 33.04
N GLU A 434 14.33 -3.00 32.60
CA GLU A 434 15.49 -2.77 33.46
C GLU A 434 15.33 -1.45 34.21
N VAL A 435 15.00 -0.40 33.45
CA VAL A 435 14.81 0.96 33.93
C VAL A 435 13.70 1.01 34.97
N GLY A 436 12.56 0.36 34.67
CA GLY A 436 11.43 0.25 35.59
C GLY A 436 11.81 -0.36 36.93
N VAL A 437 12.62 -1.44 36.87
CA VAL A 437 13.13 -2.16 38.04
C VAL A 437 14.00 -1.21 38.88
N MET B 1 0.26 12.61 -13.43
CA MET B 1 1.09 11.37 -13.49
C MET B 1 0.22 10.14 -13.19
N ARG B 2 0.81 8.93 -13.31
CA ARG B 2 0.21 7.61 -13.05
C ARG B 2 -1.00 7.31 -13.93
N GLU B 3 -0.82 7.31 -15.26
CA GLU B 3 -1.94 7.22 -16.18
C GLU B 3 -2.23 5.75 -16.47
N ILE B 4 -3.52 5.46 -16.72
CA ILE B 4 -4.01 4.09 -16.93
C ILE B 4 -4.45 3.90 -18.37
N VAL B 5 -4.10 2.74 -18.94
CA VAL B 5 -4.41 2.34 -20.30
C VAL B 5 -5.55 1.32 -20.28
N HIS B 6 -6.75 1.77 -20.65
CA HIS B 6 -7.93 0.92 -20.62
C HIS B 6 -7.92 -0.04 -21.81
N ILE B 7 -8.63 -1.18 -21.67
CA ILE B 7 -8.87 -2.17 -22.70
C ILE B 7 -10.27 -2.77 -22.51
N GLN B 8 -10.95 -3.04 -23.64
CA GLN B 8 -12.25 -3.66 -23.72
C GLN B 8 -12.22 -4.76 -24.78
N ALA B 9 -12.43 -6.00 -24.35
CA ALA B 9 -12.37 -7.15 -25.24
C ALA B 9 -13.60 -8.05 -25.07
N GLY B 10 -14.23 -8.39 -26.20
CA GLY B 10 -15.45 -9.19 -26.28
C GLY B 10 -16.69 -8.31 -26.10
N GLN B 11 -17.85 -8.79 -26.59
CA GLN B 11 -19.08 -8.02 -26.53
C GLN B 11 -19.29 -7.43 -25.14
N CYS B 12 -19.16 -8.30 -24.12
CA CYS B 12 -19.28 -8.01 -22.70
C CYS B 12 -18.28 -6.93 -22.23
N GLY B 13 -16.99 -7.23 -22.37
CA GLY B 13 -15.98 -6.23 -22.14
C GLY B 13 -16.32 -4.94 -22.88
N ASN B 14 -16.78 -5.04 -24.13
CA ASN B 14 -16.96 -3.86 -24.95
C ASN B 14 -18.12 -3.04 -24.45
N GLN B 15 -19.12 -3.72 -23.90
CA GLN B 15 -20.32 -3.04 -23.51
C GLN B 15 -20.15 -2.41 -22.13
N ILE B 16 -19.54 -3.13 -21.18
CA ILE B 16 -19.32 -2.58 -19.86
C ILE B 16 -18.41 -1.38 -19.99
N GLY B 17 -17.39 -1.57 -20.82
CA GLY B 17 -16.46 -0.51 -21.13
C GLY B 17 -17.21 0.70 -21.68
N ALA B 18 -18.18 0.46 -22.58
CA ALA B 18 -18.99 1.51 -23.18
C ALA B 18 -19.65 2.32 -22.07
N LYS B 19 -20.33 1.60 -21.20
CA LYS B 19 -21.04 2.28 -20.15
C LYS B 19 -20.04 2.90 -19.18
N PHE B 20 -18.87 2.27 -18.99
CA PHE B 20 -17.85 2.70 -18.04
C PHE B 20 -17.32 4.08 -18.42
N TRP B 21 -17.14 4.26 -19.72
CA TRP B 21 -16.50 5.47 -20.20
C TRP B 21 -17.46 6.60 -19.99
N GLU B 22 -18.73 6.33 -20.31
CA GLU B 22 -19.81 7.29 -20.21
C GLU B 22 -19.85 7.83 -18.79
N VAL B 23 -19.71 6.90 -17.84
CA VAL B 23 -19.79 7.15 -16.41
C VAL B 23 -18.62 8.03 -15.94
N ILE B 24 -17.37 7.66 -16.29
CA ILE B 24 -16.20 8.44 -15.92
C ILE B 24 -16.30 9.82 -16.57
N SER B 25 -16.81 9.87 -17.81
CA SER B 25 -16.96 11.12 -18.55
C SER B 25 -17.84 12.08 -17.76
N ASP B 26 -18.94 11.57 -17.22
CA ASP B 26 -19.86 12.43 -16.50
C ASP B 26 -19.19 12.99 -15.24
N GLU B 27 -18.39 12.15 -14.57
CA GLU B 27 -17.67 12.45 -13.35
C GLU B 27 -16.61 13.54 -13.54
N HIS B 28 -16.02 13.61 -14.75
CA HIS B 28 -14.96 14.56 -15.05
C HIS B 28 -15.43 15.73 -15.92
N GLY B 29 -16.73 15.82 -16.17
CA GLY B 29 -17.36 16.98 -16.81
C GLY B 29 -17.27 17.00 -18.34
N ILE B 30 -16.84 15.88 -18.95
CA ILE B 30 -16.68 15.73 -20.40
C ILE B 30 -18.01 15.30 -21.01
N ASP B 31 -18.42 16.01 -22.08
CA ASP B 31 -19.66 15.76 -22.79
C ASP B 31 -19.40 14.79 -23.96
N PRO B 32 -20.39 14.46 -24.81
CA PRO B 32 -20.20 13.50 -25.91
C PRO B 32 -19.23 13.89 -27.03
N THR B 33 -18.88 15.18 -27.10
CA THR B 33 -18.13 15.71 -28.22
C THR B 33 -16.64 15.68 -27.90
N GLY B 34 -16.32 15.27 -26.66
CA GLY B 34 -14.96 15.31 -26.15
C GLY B 34 -14.54 16.72 -25.70
N SER B 35 -15.52 17.58 -25.43
CA SER B 35 -15.29 18.90 -24.84
C SER B 35 -15.60 18.87 -23.35
N TYR B 36 -14.85 19.69 -22.60
CA TYR B 36 -15.09 19.82 -21.17
C TYR B 36 -16.10 20.93 -20.93
N HIS B 37 -17.15 20.60 -20.17
CA HIS B 37 -18.16 21.53 -19.69
C HIS B 37 -18.51 21.20 -18.23
N GLY B 38 -17.48 21.18 -17.37
CA GLY B 38 -17.64 20.88 -15.96
C GLY B 38 -17.30 22.10 -15.11
N ASP B 39 -17.92 22.19 -13.92
CA ASP B 39 -17.75 23.32 -13.03
C ASP B 39 -16.72 23.04 -11.92
N SER B 40 -16.19 21.80 -11.89
CA SER B 40 -15.23 21.37 -10.88
C SER B 40 -13.82 21.29 -11.46
N ASP B 41 -12.96 22.21 -11.01
CA ASP B 41 -11.59 22.33 -11.47
C ASP B 41 -10.81 21.05 -11.17
N LEU B 42 -11.25 20.32 -10.14
CA LEU B 42 -10.60 19.08 -9.69
C LEU B 42 -10.72 17.97 -10.73
N GLN B 43 -11.73 18.06 -11.61
CA GLN B 43 -11.90 17.09 -12.69
C GLN B 43 -10.72 17.17 -13.65
N LEU B 44 -10.27 18.38 -13.97
CA LEU B 44 -9.21 18.60 -14.96
C LEU B 44 -7.84 18.68 -14.29
N GLU B 45 -7.84 18.63 -12.95
CA GLU B 45 -6.62 18.56 -12.16
C GLU B 45 -5.90 17.26 -12.49
N ARG B 46 -6.66 16.19 -12.59
CA ARG B 46 -6.12 14.87 -12.82
C ARG B 46 -6.91 14.18 -13.93
N ILE B 47 -7.30 14.92 -14.96
CA ILE B 47 -7.96 14.30 -16.09
C ILE B 47 -7.05 13.24 -16.70
N ASN B 48 -5.75 13.49 -16.63
CA ASN B 48 -4.66 12.77 -17.25
C ASN B 48 -4.93 11.28 -17.23
N VAL B 49 -5.14 10.78 -16.01
CA VAL B 49 -5.21 9.36 -15.77
C VAL B 49 -5.99 8.69 -16.90
N TYR B 50 -7.17 9.26 -17.21
CA TYR B 50 -8.14 8.60 -18.06
C TYR B 50 -8.34 9.26 -19.44
N TYR B 51 -7.69 10.40 -19.68
CA TYR B 51 -7.89 11.06 -20.96
C TYR B 51 -6.65 11.83 -21.44
N ASN B 52 -6.48 11.85 -22.78
CA ASN B 52 -5.53 12.66 -23.53
C ASN B 52 -6.25 13.89 -24.07
N GLU B 53 -5.60 15.02 -23.91
CA GLU B 53 -6.15 16.24 -24.46
C GLU B 53 -5.49 16.46 -25.82
N ALA B 54 -6.26 16.98 -26.79
CA ALA B 54 -5.67 17.53 -28.02
C ALA B 54 -6.19 18.93 -28.29
N ALA B 55 -5.94 19.37 -29.52
CA ALA B 55 -6.14 20.73 -29.97
C ALA B 55 -7.62 21.10 -29.89
N GLY B 56 -7.87 22.25 -29.27
CA GLY B 56 -9.20 22.81 -29.13
C GLY B 56 -9.97 22.17 -27.98
N ASN B 57 -9.24 21.83 -26.89
CA ASN B 57 -9.77 21.17 -25.72
C ASN B 57 -10.37 19.81 -26.11
N LYS B 58 -9.75 19.15 -27.10
CA LYS B 58 -10.15 17.81 -27.48
C LYS B 58 -9.87 16.87 -26.31
N TYR B 59 -10.77 15.93 -26.03
CA TYR B 59 -10.47 14.94 -25.00
C TYR B 59 -10.70 13.54 -25.54
N VAL B 60 -9.87 12.61 -25.08
CA VAL B 60 -9.79 11.28 -25.67
C VAL B 60 -9.37 10.24 -24.64
N PRO B 61 -10.23 9.25 -24.35
CA PRO B 61 -9.83 8.18 -23.44
C PRO B 61 -8.65 7.44 -24.00
N ARG B 62 -7.71 7.12 -23.12
CA ARG B 62 -6.67 6.15 -23.41
C ARG B 62 -7.25 4.73 -23.33
N ALA B 63 -8.17 4.42 -24.25
CA ALA B 63 -8.84 3.14 -24.29
C ALA B 63 -8.72 2.51 -25.67
N ILE B 64 -8.37 1.23 -25.64
CA ILE B 64 -8.30 0.37 -26.80
C ILE B 64 -9.50 -0.58 -26.82
N LEU B 65 -10.22 -0.64 -27.95
CA LEU B 65 -11.40 -1.47 -28.12
C LEU B 65 -11.05 -2.63 -29.05
N VAL B 66 -11.23 -3.88 -28.59
CA VAL B 66 -10.91 -5.08 -29.37
C VAL B 66 -12.14 -5.98 -29.48
N ASP B 67 -12.37 -6.47 -30.71
CA ASP B 67 -13.43 -7.41 -30.98
C ASP B 67 -13.02 -8.24 -32.19
N LEU B 68 -13.14 -9.55 -32.06
CA LEU B 68 -12.86 -10.40 -33.20
C LEU B 68 -13.90 -10.26 -34.32
N GLU B 69 -15.06 -9.73 -33.98
CA GLU B 69 -16.10 -9.40 -34.95
C GLU B 69 -16.16 -7.88 -35.09
N PRO B 70 -16.73 -7.32 -36.15
CA PRO B 70 -16.87 -5.88 -36.23
C PRO B 70 -18.11 -5.37 -35.53
N GLY B 71 -19.16 -6.21 -35.39
CA GLY B 71 -20.54 -5.77 -35.15
C GLY B 71 -20.72 -4.98 -33.86
N THR B 72 -20.20 -5.55 -32.77
CA THR B 72 -20.46 -5.10 -31.40
C THR B 72 -19.74 -3.79 -31.16
N MET B 73 -18.66 -3.56 -31.90
CA MET B 73 -17.80 -2.41 -31.77
C MET B 73 -18.21 -1.34 -32.78
N ASP B 74 -19.16 -1.70 -33.66
CA ASP B 74 -19.67 -0.77 -34.64
C ASP B 74 -20.93 -0.14 -34.09
N SER B 75 -21.61 -0.94 -33.26
CA SER B 75 -22.67 -0.45 -32.40
C SER B 75 -22.11 0.59 -31.44
N VAL B 76 -20.91 0.34 -30.93
CA VAL B 76 -20.23 1.24 -30.02
C VAL B 76 -20.22 2.61 -30.69
N ARG B 77 -19.73 2.64 -31.94
CA ARG B 77 -19.48 3.84 -32.73
C ARG B 77 -20.79 4.60 -32.91
N SER B 78 -21.85 3.86 -33.25
CA SER B 78 -23.15 4.44 -33.48
C SER B 78 -23.67 5.13 -32.22
N GLY B 79 -23.32 4.55 -31.05
CA GLY B 79 -23.75 5.00 -29.73
C GLY B 79 -23.45 6.48 -29.46
N PRO B 80 -24.01 7.09 -28.38
CA PRO B 80 -23.86 8.53 -28.15
C PRO B 80 -22.43 8.90 -27.74
N PHE B 81 -21.84 8.05 -26.87
CA PHE B 81 -20.52 8.26 -26.30
C PHE B 81 -19.44 7.60 -27.17
N GLY B 82 -19.88 6.76 -28.11
CA GLY B 82 -19.02 6.05 -29.06
C GLY B 82 -18.11 6.96 -29.88
N GLN B 83 -18.57 8.17 -30.18
CA GLN B 83 -17.84 9.08 -31.04
C GLN B 83 -16.80 9.88 -30.23
N ILE B 84 -16.63 9.55 -28.95
CA ILE B 84 -15.56 10.20 -28.19
C ILE B 84 -14.26 9.47 -28.42
N PHE B 85 -14.30 8.22 -28.84
CA PHE B 85 -13.05 7.51 -29.09
C PHE B 85 -12.39 8.03 -30.38
N ARG B 86 -11.05 8.00 -30.43
CA ARG B 86 -10.29 8.29 -31.64
C ARG B 86 -10.26 7.01 -32.49
N PRO B 87 -10.97 7.00 -33.64
CA PRO B 87 -11.45 5.75 -34.26
C PRO B 87 -10.32 4.78 -34.55
N ASP B 88 -9.10 5.29 -34.41
CA ASP B 88 -7.89 4.52 -34.64
C ASP B 88 -7.71 3.51 -33.50
N ASN B 89 -8.59 3.62 -32.51
CA ASN B 89 -8.48 2.85 -31.29
C ASN B 89 -9.37 1.60 -31.33
N PHE B 90 -10.21 1.48 -32.36
CA PHE B 90 -11.01 0.29 -32.56
C PHE B 90 -10.24 -0.61 -33.48
N VAL B 91 -9.74 -1.70 -32.93
CA VAL B 91 -9.01 -2.67 -33.72
C VAL B 91 -9.89 -3.91 -33.82
N PHE B 92 -10.31 -4.28 -35.03
CA PHE B 92 -11.16 -5.45 -35.17
C PHE B 92 -10.76 -6.27 -36.37
N GLY B 93 -11.07 -7.57 -36.30
CA GLY B 93 -11.12 -8.47 -37.43
C GLY B 93 -12.58 -8.78 -37.75
N GLN B 94 -12.81 -9.72 -38.66
CA GLN B 94 -14.15 -9.99 -39.15
C GLN B 94 -14.48 -11.49 -39.09
N SER B 95 -13.73 -12.22 -38.27
CA SER B 95 -14.00 -13.62 -37.95
C SER B 95 -14.37 -13.73 -36.47
N GLY B 96 -15.58 -14.20 -36.17
CA GLY B 96 -16.06 -14.26 -34.79
C GLY B 96 -15.42 -15.41 -34.01
N ALA B 97 -15.09 -15.15 -32.74
CA ALA B 97 -14.49 -16.15 -31.87
C ALA B 97 -15.50 -17.26 -31.55
N GLY B 98 -16.79 -16.89 -31.61
CA GLY B 98 -17.90 -17.79 -31.37
C GLY B 98 -17.67 -18.65 -30.14
N ASN B 99 -17.38 -17.97 -29.03
CA ASN B 99 -17.34 -18.60 -27.72
C ASN B 99 -16.41 -19.81 -27.77
N ASN B 100 -15.28 -19.58 -28.44
CA ASN B 100 -14.21 -20.56 -28.49
C ASN B 100 -12.95 -19.86 -27.97
N TRP B 101 -12.39 -20.39 -26.87
CA TRP B 101 -11.15 -19.91 -26.28
C TRP B 101 -10.02 -20.02 -27.30
N ALA B 102 -9.99 -21.14 -28.02
CA ALA B 102 -8.94 -21.41 -28.98
C ALA B 102 -8.96 -20.43 -30.15
N LYS B 103 -10.15 -19.96 -30.54
CA LYS B 103 -10.24 -18.98 -31.62
C LYS B 103 -9.65 -17.65 -31.15
N GLY B 104 -9.96 -17.27 -29.90
CA GLY B 104 -9.52 -16.03 -29.28
C GLY B 104 -8.01 -15.97 -29.07
N HIS B 105 -7.44 -17.06 -28.51
CA HIS B 105 -6.05 -17.07 -28.06
C HIS B 105 -5.08 -17.45 -29.18
N TYR B 106 -5.42 -18.51 -29.92
CA TYR B 106 -4.44 -19.23 -30.70
C TYR B 106 -4.45 -18.78 -32.15
N THR B 107 -5.65 -18.56 -32.69
CA THR B 107 -5.89 -18.56 -34.12
C THR B 107 -6.28 -17.15 -34.60
N GLU B 108 -7.57 -16.82 -34.46
CA GLU B 108 -8.15 -15.63 -35.07
C GLU B 108 -7.59 -14.38 -34.38
N GLY B 109 -7.38 -14.51 -33.06
CA GLY B 109 -6.95 -13.41 -32.21
C GLY B 109 -5.43 -13.22 -32.21
N ALA B 110 -4.70 -14.30 -32.55
CA ALA B 110 -3.26 -14.22 -32.71
C ALA B 110 -2.92 -13.40 -33.95
N GLU B 111 -3.87 -13.32 -34.88
CA GLU B 111 -3.69 -12.58 -36.11
C GLU B 111 -3.92 -11.10 -35.87
N LEU B 112 -4.74 -10.79 -34.87
CA LEU B 112 -5.19 -9.43 -34.66
C LEU B 112 -4.50 -8.80 -33.45
N VAL B 113 -3.62 -9.55 -32.78
CA VAL B 113 -3.03 -9.11 -31.53
C VAL B 113 -1.94 -8.08 -31.81
N ASP B 114 -1.10 -8.38 -32.81
CA ASP B 114 0.07 -7.60 -33.10
C ASP B 114 -0.34 -6.15 -33.35
N SER B 115 -1.39 -6.00 -34.18
CA SER B 115 -1.97 -4.71 -34.49
C SER B 115 -2.45 -4.00 -33.22
N VAL B 116 -3.10 -4.75 -32.31
CA VAL B 116 -3.60 -4.22 -31.06
C VAL B 116 -2.43 -3.78 -30.17
N LEU B 117 -1.38 -4.60 -30.13
CA LEU B 117 -0.21 -4.32 -29.30
C LEU B 117 0.48 -3.05 -29.78
N ASP B 118 0.40 -2.80 -31.09
CA ASP B 118 0.95 -1.58 -31.64
C ASP B 118 0.21 -0.39 -31.06
N VAL B 119 -1.12 -0.52 -30.99
CA VAL B 119 -1.95 0.51 -30.40
C VAL B 119 -1.63 0.65 -28.90
N VAL B 120 -1.38 -0.48 -28.21
CA VAL B 120 -0.94 -0.50 -26.82
C VAL B 120 0.32 0.34 -26.65
N ARG B 121 1.26 0.15 -27.59
CA ARG B 121 2.60 0.75 -27.54
C ARG B 121 2.49 2.23 -27.81
N LYS B 122 1.54 2.64 -28.65
CA LYS B 122 1.30 4.05 -28.90
C LYS B 122 1.00 4.72 -27.58
N GLU B 123 0.13 4.06 -26.81
CA GLU B 123 -0.52 4.62 -25.66
C GLU B 123 0.48 4.76 -24.52
N SER B 124 1.30 3.72 -24.35
CA SER B 124 2.31 3.68 -23.29
C SER B 124 3.30 4.83 -23.47
N GLU B 125 3.70 5.08 -24.72
CA GLU B 125 4.69 6.09 -25.02
C GLU B 125 4.08 7.50 -24.89
N SER B 126 2.75 7.58 -25.00
CA SER B 126 2.03 8.85 -24.93
C SER B 126 1.74 9.21 -23.46
N CYS B 127 2.16 8.33 -22.56
CA CYS B 127 1.96 8.53 -21.13
C CYS B 127 3.13 9.28 -20.51
N ASP B 128 2.77 10.26 -19.68
CA ASP B 128 3.69 10.99 -18.83
C ASP B 128 4.38 10.00 -17.89
N CYS B 129 3.59 9.09 -17.31
CA CYS B 129 4.09 7.93 -16.58
C CYS B 129 2.95 6.92 -16.42
N LEU B 130 3.03 5.84 -17.21
CA LEU B 130 2.06 4.77 -17.23
C LEU B 130 1.97 4.13 -15.85
N GLN B 131 0.74 3.99 -15.33
CA GLN B 131 0.58 3.27 -14.08
C GLN B 131 0.17 1.82 -14.31
N GLY B 132 -0.96 1.64 -15.01
CA GLY B 132 -1.65 0.36 -15.08
C GLY B 132 -2.43 0.17 -16.37
N PHE B 133 -2.96 -1.04 -16.54
CA PHE B 133 -3.79 -1.44 -17.66
C PHE B 133 -5.09 -2.07 -17.14
N GLN B 134 -6.24 -1.43 -17.37
CA GLN B 134 -7.53 -2.00 -17.00
C GLN B 134 -8.13 -2.72 -18.20
N LEU B 135 -8.38 -4.03 -18.04
CA LEU B 135 -8.99 -4.86 -19.09
C LEU B 135 -10.34 -5.35 -18.61
N THR B 136 -11.39 -4.90 -19.30
CA THR B 136 -12.73 -5.37 -19.05
C THR B 136 -12.98 -6.47 -20.08
N HIS B 137 -13.04 -7.71 -19.62
CA HIS B 137 -13.12 -8.83 -20.53
C HIS B 137 -13.81 -9.97 -19.83
N SER B 138 -14.84 -10.49 -20.48
CA SER B 138 -15.55 -11.66 -19.98
C SER B 138 -14.64 -12.90 -19.90
N LEU B 139 -14.95 -13.84 -19.01
CA LEU B 139 -14.14 -15.03 -18.82
C LEU B 139 -14.67 -16.17 -19.69
N GLY B 140 -15.98 -16.08 -20.03
CA GLY B 140 -16.78 -17.22 -20.46
C GLY B 140 -17.12 -17.15 -21.94
N GLY B 141 -16.71 -16.07 -22.57
CA GLY B 141 -16.97 -15.80 -23.98
C GLY B 141 -15.89 -16.38 -24.88
N GLY B 142 -15.68 -15.73 -26.04
CA GLY B 142 -14.62 -16.15 -26.94
C GLY B 142 -13.56 -15.06 -27.01
N THR B 143 -14.04 -13.82 -27.11
CA THR B 143 -13.21 -12.65 -27.36
C THR B 143 -12.72 -12.09 -26.04
N GLY B 144 -13.38 -12.47 -24.96
CA GLY B 144 -12.91 -12.07 -23.66
C GLY B 144 -11.84 -13.01 -23.11
N SER B 145 -12.09 -14.31 -23.24
CA SER B 145 -11.28 -15.36 -22.66
C SER B 145 -9.95 -15.48 -23.41
N GLY B 146 -10.03 -15.99 -24.64
CA GLY B 146 -8.84 -16.29 -25.40
C GLY B 146 -8.12 -15.02 -25.79
N MET B 147 -8.84 -14.16 -26.52
CA MET B 147 -8.27 -12.93 -27.04
C MET B 147 -7.82 -12.04 -25.90
N GLY B 148 -8.70 -11.89 -24.89
CA GLY B 148 -8.38 -11.14 -23.69
C GLY B 148 -7.11 -11.64 -23.00
N THR B 149 -7.02 -12.96 -22.78
CA THR B 149 -5.92 -13.55 -22.04
C THR B 149 -4.60 -13.40 -22.77
N LEU B 150 -4.65 -13.57 -24.10
CA LEU B 150 -3.50 -13.44 -24.98
C LEU B 150 -2.98 -12.02 -24.89
N LEU B 151 -3.92 -11.06 -24.86
CA LEU B 151 -3.58 -9.65 -24.79
C LEU B 151 -2.87 -9.33 -23.47
N ILE B 152 -3.33 -9.94 -22.37
CA ILE B 152 -2.78 -9.75 -21.04
C ILE B 152 -1.34 -10.25 -20.97
N SER B 153 -1.09 -11.43 -21.55
CA SER B 153 0.20 -12.12 -21.49
C SER B 153 1.28 -11.26 -22.13
N LYS B 154 1.02 -10.84 -23.36
CA LYS B 154 1.95 -10.07 -24.17
C LYS B 154 2.21 -8.72 -23.50
N ILE B 155 1.14 -8.10 -22.99
CA ILE B 155 1.25 -6.81 -22.32
C ILE B 155 2.13 -6.92 -21.08
N ARG B 156 1.97 -8.03 -20.33
CA ARG B 156 2.77 -8.24 -19.14
C ARG B 156 4.24 -8.43 -19.49
N GLU B 157 4.51 -9.13 -20.60
CA GLU B 157 5.87 -9.29 -21.07
C GLU B 157 6.47 -7.92 -21.41
N GLU B 158 5.67 -7.04 -22.03
CA GLU B 158 6.12 -5.73 -22.48
C GLU B 158 6.38 -4.78 -21.30
N TYR B 159 5.45 -4.72 -20.35
CA TYR B 159 5.57 -3.81 -19.22
C TYR B 159 5.38 -4.57 -17.91
N PRO B 160 6.36 -5.36 -17.45
CA PRO B 160 6.16 -6.24 -16.28
C PRO B 160 6.07 -5.58 -14.90
N ASP B 161 6.51 -4.33 -14.85
CA ASP B 161 6.64 -3.56 -13.61
C ASP B 161 5.33 -2.85 -13.29
N ARG B 162 4.35 -2.95 -14.20
CA ARG B 162 3.15 -2.13 -14.12
C ARG B 162 1.97 -2.96 -13.64
N ILE B 163 0.87 -2.24 -13.34
CA ILE B 163 -0.33 -2.82 -12.75
C ILE B 163 -1.20 -3.40 -13.85
N MET B 164 -1.66 -4.63 -13.64
CA MET B 164 -2.66 -5.20 -14.52
C MET B 164 -3.87 -5.60 -13.68
N ASN B 165 -4.95 -4.86 -13.90
CA ASN B 165 -6.23 -5.08 -13.23
C ASN B 165 -7.31 -5.38 -14.26
N THR B 166 -8.13 -6.37 -13.95
CA THR B 166 -9.11 -6.84 -14.92
C THR B 166 -10.44 -7.05 -14.23
N PHE B 167 -11.43 -6.22 -14.61
CA PHE B 167 -12.78 -6.39 -14.13
C PHE B 167 -13.45 -7.46 -14.96
N SER B 168 -13.08 -8.73 -14.69
CA SER B 168 -13.50 -9.91 -15.45
C SER B 168 -14.85 -10.44 -15.01
N VAL B 169 -15.79 -10.47 -15.96
CA VAL B 169 -17.17 -10.87 -15.78
C VAL B 169 -17.21 -12.37 -16.00
N VAL B 170 -17.68 -13.09 -14.97
CA VAL B 170 -17.47 -14.53 -14.88
C VAL B 170 -18.80 -15.25 -15.16
N PRO B 171 -18.76 -16.59 -15.34
CA PRO B 171 -19.97 -17.39 -15.49
C PRO B 171 -20.77 -17.35 -14.19
N SER B 172 -22.10 -17.38 -14.29
CA SER B 172 -22.91 -17.65 -13.11
C SER B 172 -23.50 -19.04 -13.23
N PRO B 173 -23.13 -20.03 -12.38
CA PRO B 173 -23.60 -21.41 -12.54
C PRO B 173 -25.13 -21.54 -12.66
N LYS B 174 -25.86 -20.63 -12.01
CA LYS B 174 -27.32 -20.69 -11.93
C LYS B 174 -27.96 -20.11 -13.18
N VAL B 175 -27.27 -19.16 -13.85
CA VAL B 175 -27.72 -18.65 -15.15
C VAL B 175 -26.55 -18.73 -16.13
N SER B 176 -26.33 -19.94 -16.64
CA SER B 176 -25.35 -20.13 -17.69
C SER B 176 -25.95 -19.53 -18.96
N ASP B 177 -25.08 -18.94 -19.79
CA ASP B 177 -25.53 -18.32 -21.02
C ASP B 177 -24.94 -19.07 -22.23
N THR B 178 -23.78 -19.71 -22.02
CA THR B 178 -23.08 -20.38 -23.10
C THR B 178 -22.76 -21.82 -22.74
N VAL B 179 -22.52 -22.59 -23.80
CA VAL B 179 -22.42 -24.04 -23.81
C VAL B 179 -21.14 -24.48 -23.12
N VAL B 180 -20.03 -23.86 -23.52
CA VAL B 180 -18.71 -24.28 -23.10
C VAL B 180 -18.20 -23.22 -22.15
N GLU B 181 -19.13 -22.50 -21.53
CA GLU B 181 -18.78 -21.49 -20.55
C GLU B 181 -17.70 -22.05 -19.63
N PRO B 182 -17.90 -23.27 -19.07
CA PRO B 182 -16.88 -24.01 -18.31
C PRO B 182 -15.49 -24.08 -18.93
N TYR B 183 -15.46 -24.45 -20.21
CA TYR B 183 -14.21 -24.57 -20.92
C TYR B 183 -13.50 -23.23 -20.96
N ASN B 184 -14.25 -22.17 -21.32
CA ASN B 184 -13.72 -20.83 -21.53
C ASN B 184 -13.15 -20.29 -20.23
N ALA B 185 -13.94 -20.44 -19.16
CA ALA B 185 -13.59 -19.93 -17.85
C ALA B 185 -12.31 -20.60 -17.37
N THR B 186 -12.29 -21.94 -17.46
CA THR B 186 -11.19 -22.74 -16.91
C THR B 186 -9.89 -22.41 -17.63
N LEU B 187 -9.96 -22.36 -18.95
CA LEU B 187 -8.76 -22.05 -19.69
C LEU B 187 -8.31 -20.61 -19.39
N SER B 188 -9.26 -19.69 -19.23
CA SER B 188 -8.96 -18.29 -18.95
C SER B 188 -8.28 -18.13 -17.58
N VAL B 189 -8.86 -18.75 -16.56
CA VAL B 189 -8.43 -18.61 -15.18
C VAL B 189 -6.98 -19.07 -15.02
N HIS B 190 -6.67 -20.23 -15.60
CA HIS B 190 -5.35 -20.83 -15.53
C HIS B 190 -4.28 -19.82 -15.94
N GLN B 191 -4.60 -19.02 -16.97
CA GLN B 191 -3.73 -17.94 -17.45
C GLN B 191 -3.82 -16.71 -16.56
N LEU B 192 -5.05 -16.32 -16.17
CA LEU B 192 -5.29 -15.11 -15.39
C LEU B 192 -4.56 -15.10 -14.05
N VAL B 193 -4.65 -16.21 -13.32
CA VAL B 193 -4.01 -16.37 -12.01
C VAL B 193 -2.57 -15.88 -12.08
N GLU B 194 -1.89 -16.17 -13.20
CA GLU B 194 -0.46 -15.95 -13.34
C GLU B 194 -0.11 -14.62 -14.02
N ASN B 195 -1.12 -13.87 -14.50
CA ASN B 195 -0.84 -12.80 -15.44
C ASN B 195 -1.37 -11.44 -14.98
N THR B 196 -2.02 -11.41 -13.81
CA THR B 196 -2.65 -10.19 -13.31
C THR B 196 -2.31 -9.99 -11.82
N ASP B 197 -2.43 -8.74 -11.38
CA ASP B 197 -2.18 -8.37 -10.00
C ASP B 197 -3.48 -8.38 -9.23
N GLU B 198 -4.58 -8.09 -9.93
CA GLU B 198 -5.86 -7.99 -9.26
C GLU B 198 -6.98 -8.08 -10.28
N THR B 199 -7.97 -8.89 -9.91
CA THR B 199 -9.08 -9.21 -10.80
C THR B 199 -10.36 -9.15 -9.99
N TYR B 200 -11.27 -8.30 -10.47
CA TYR B 200 -12.54 -8.05 -9.84
C TYR B 200 -13.60 -8.89 -10.54
N CYS B 201 -14.07 -9.92 -9.84
CA CYS B 201 -14.88 -10.97 -10.45
C CYS B 201 -16.37 -10.65 -10.27
N ILE B 202 -17.04 -10.36 -11.38
CA ILE B 202 -18.40 -9.87 -11.32
C ILE B 202 -19.28 -10.81 -12.14
N ASP B 203 -20.25 -11.46 -11.47
CA ASP B 203 -21.19 -12.31 -12.19
C ASP B 203 -22.56 -11.63 -12.27
N ASN B 204 -23.30 -12.02 -13.29
CA ASN B 204 -24.54 -11.38 -13.69
C ASN B 204 -25.66 -11.67 -12.70
N GLU B 205 -25.52 -12.80 -12.03
CA GLU B 205 -26.44 -13.29 -11.03
C GLU B 205 -26.58 -12.24 -9.94
N ALA B 206 -25.42 -11.84 -9.43
CA ALA B 206 -25.39 -10.99 -8.27
C ALA B 206 -25.96 -9.64 -8.67
N LEU B 207 -25.69 -9.23 -9.92
CA LEU B 207 -26.13 -7.94 -10.41
C LEU B 207 -27.66 -7.95 -10.42
N TYR B 208 -28.19 -9.07 -10.89
CA TYR B 208 -29.62 -9.22 -10.97
C TYR B 208 -30.21 -9.08 -9.58
N ASP B 209 -29.58 -9.75 -8.60
CA ASP B 209 -30.01 -9.73 -7.21
C ASP B 209 -30.15 -8.28 -6.75
N ILE B 210 -29.11 -7.51 -7.03
CA ILE B 210 -29.05 -6.12 -6.64
C ILE B 210 -30.22 -5.36 -7.25
N CYS B 211 -30.38 -5.50 -8.57
CA CYS B 211 -31.36 -4.75 -9.33
C CYS B 211 -32.77 -5.05 -8.84
N PHE B 212 -33.01 -6.33 -8.61
CA PHE B 212 -34.33 -6.85 -8.33
C PHE B 212 -34.79 -6.44 -6.94
N ARG B 213 -33.93 -6.72 -5.96
CA ARG B 213 -34.24 -6.57 -4.55
C ARG B 213 -34.22 -5.10 -4.16
N THR B 214 -33.10 -4.43 -4.45
CA THR B 214 -32.67 -3.22 -3.75
C THR B 214 -33.00 -1.99 -4.58
N LEU B 215 -32.59 -2.05 -5.85
CA LEU B 215 -32.83 -0.99 -6.81
C LEU B 215 -34.25 -1.12 -7.34
N LYS B 216 -34.86 -2.30 -7.12
CA LYS B 216 -36.26 -2.58 -7.41
C LYS B 216 -36.53 -2.46 -8.91
N LEU B 217 -35.52 -2.78 -9.72
CA LEU B 217 -35.73 -2.83 -11.15
C LEU B 217 -35.96 -4.29 -11.52
N THR B 218 -37.23 -4.58 -11.87
CA THR B 218 -37.68 -5.92 -12.19
C THR B 218 -37.69 -6.12 -13.70
N THR B 219 -37.17 -5.09 -14.40
CA THR B 219 -36.77 -5.16 -15.80
C THR B 219 -35.30 -4.73 -15.92
N PRO B 220 -34.30 -5.60 -15.58
CA PRO B 220 -32.89 -5.20 -15.66
C PRO B 220 -32.55 -5.08 -17.14
N THR B 221 -32.03 -3.91 -17.56
CA THR B 221 -31.44 -3.81 -18.87
C THR B 221 -29.95 -4.13 -18.69
N TYR B 222 -29.34 -4.73 -19.70
CA TYR B 222 -27.91 -4.92 -19.63
C TYR B 222 -27.23 -3.59 -19.26
N GLY B 223 -27.83 -2.48 -19.73
CA GLY B 223 -27.51 -1.11 -19.38
C GLY B 223 -27.37 -0.92 -17.87
N ASP B 224 -28.39 -1.36 -17.13
CA ASP B 224 -28.45 -1.23 -15.70
C ASP B 224 -27.33 -2.03 -15.03
N LEU B 225 -27.18 -3.30 -15.45
CA LEU B 225 -26.12 -4.16 -14.92
C LEU B 225 -24.78 -3.50 -15.18
N ASN B 226 -24.65 -2.96 -16.39
CA ASN B 226 -23.41 -2.30 -16.78
C ASN B 226 -23.16 -1.05 -15.93
N HIS B 227 -24.21 -0.25 -15.74
CA HIS B 227 -24.12 0.97 -14.98
C HIS B 227 -23.53 0.67 -13.61
N LEU B 228 -23.92 -0.47 -13.05
CA LEU B 228 -23.44 -0.94 -11.77
C LEU B 228 -21.92 -1.15 -11.78
N VAL B 229 -21.44 -1.98 -12.71
CA VAL B 229 -20.03 -2.34 -12.71
C VAL B 229 -19.21 -1.10 -12.98
N SER B 230 -19.77 -0.20 -13.78
CA SER B 230 -19.08 1.03 -14.18
C SER B 230 -18.75 1.86 -12.94
N ALA B 231 -19.78 2.07 -12.13
CA ALA B 231 -19.60 2.81 -10.90
C ALA B 231 -18.52 2.12 -10.05
N THR B 232 -18.49 0.78 -10.02
CA THR B 232 -17.52 0.03 -9.22
C THR B 232 -16.10 0.44 -9.59
N MET B 233 -15.83 0.43 -10.89
CA MET B 233 -14.49 0.71 -11.41
C MET B 233 -14.09 2.16 -11.13
N SER B 234 -15.04 3.10 -11.32
CA SER B 234 -14.85 4.51 -11.03
C SER B 234 -14.39 4.69 -9.59
N GLY B 235 -15.14 4.08 -8.68
CA GLY B 235 -14.82 4.11 -7.26
C GLY B 235 -13.39 3.62 -6.98
N VAL B 236 -12.95 2.52 -7.64
CA VAL B 236 -11.64 1.90 -7.46
C VAL B 236 -10.55 2.94 -7.74
N THR B 237 -10.79 3.74 -8.79
CA THR B 237 -9.77 4.61 -9.33
C THR B 237 -9.99 6.07 -8.95
N THR B 238 -10.95 6.35 -8.05
CA THR B 238 -11.27 7.73 -7.64
C THR B 238 -10.06 8.44 -7.04
N CYS B 239 -9.30 7.73 -6.19
CA CYS B 239 -8.16 8.27 -5.46
C CYS B 239 -7.10 8.90 -6.37
N LEU B 240 -6.75 8.16 -7.44
CA LEU B 240 -5.74 8.59 -8.40
C LEU B 240 -6.21 9.88 -9.07
N ARG B 241 -7.52 9.99 -9.25
CA ARG B 241 -8.12 11.00 -10.09
C ARG B 241 -8.62 12.18 -9.29
N PHE B 242 -8.69 12.06 -7.97
CA PHE B 242 -9.15 13.17 -7.16
C PHE B 242 -8.35 13.23 -5.86
N PRO B 243 -8.20 14.44 -5.25
CA PRO B 243 -7.46 14.60 -3.98
C PRO B 243 -8.18 13.87 -2.84
N GLY B 244 -7.46 13.46 -1.79
CA GLY B 244 -8.12 12.74 -0.71
C GLY B 244 -7.44 12.91 0.65
N GLN B 245 -8.19 12.57 1.69
CA GLN B 245 -7.71 12.64 3.06
C GLN B 245 -6.77 11.47 3.31
N LEU B 246 -7.04 10.36 2.63
CA LEU B 246 -6.10 9.25 2.55
C LEU B 246 -6.24 8.65 1.17
N ASN B 247 -5.14 8.54 0.40
CA ASN B 247 -5.27 8.26 -1.03
C ASN B 247 -4.68 6.89 -1.39
N ALA B 248 -5.52 6.05 -1.99
CA ALA B 248 -5.17 4.67 -2.34
C ALA B 248 -5.00 4.53 -3.85
N ASP B 249 -3.72 4.45 -4.17
CA ASP B 249 -3.19 4.04 -5.45
C ASP B 249 -3.65 2.61 -5.75
N LEU B 250 -3.63 2.30 -7.04
CA LEU B 250 -4.03 0.97 -7.48
C LEU B 250 -3.08 -0.03 -6.84
N ARG B 251 -1.78 0.32 -6.86
CA ARG B 251 -0.76 -0.52 -6.25
C ARG B 251 -1.02 -0.63 -4.75
N LYS B 252 -1.42 0.48 -4.14
CA LYS B 252 -1.72 0.55 -2.72
C LYS B 252 -2.80 -0.46 -2.38
N LEU B 253 -3.87 -0.46 -3.19
CA LEU B 253 -4.98 -1.37 -2.97
C LEU B 253 -4.52 -2.81 -3.09
N ALA B 254 -3.77 -3.13 -4.15
CA ALA B 254 -3.22 -4.46 -4.38
C ALA B 254 -2.40 -4.91 -3.18
N VAL B 255 -1.55 -4.02 -2.69
CA VAL B 255 -0.60 -4.36 -1.66
C VAL B 255 -1.32 -4.62 -0.35
N ASN B 256 -2.39 -3.85 -0.12
CA ASN B 256 -3.20 -3.92 1.08
C ASN B 256 -4.17 -5.08 1.04
N MET B 257 -4.37 -5.67 -0.14
CA MET B 257 -5.49 -6.58 -0.31
C MET B 257 -5.02 -8.02 -0.49
N VAL B 258 -3.71 -8.22 -0.57
CA VAL B 258 -3.27 -9.47 -1.13
C VAL B 258 -2.29 -10.12 -0.19
N PRO B 259 -2.68 -11.21 0.50
CA PRO B 259 -1.79 -11.92 1.42
C PRO B 259 -0.64 -12.66 0.75
N PHE B 260 -0.88 -13.06 -0.49
CA PHE B 260 0.09 -13.89 -1.16
C PHE B 260 0.00 -13.59 -2.63
N PRO B 261 1.09 -13.90 -3.36
CA PRO B 261 1.16 -13.73 -4.81
C PRO B 261 -0.10 -14.09 -5.60
N ARG B 262 -0.76 -15.16 -5.17
CA ARG B 262 -1.75 -15.84 -5.97
C ARG B 262 -3.14 -15.25 -5.75
N LEU B 263 -3.53 -14.97 -4.50
CA LEU B 263 -4.95 -14.96 -4.22
C LEU B 263 -5.52 -13.56 -4.40
N HIS B 264 -5.46 -13.09 -5.65
CA HIS B 264 -5.63 -11.67 -5.94
C HIS B 264 -7.07 -11.37 -6.36
N PHE B 265 -7.91 -12.38 -6.37
CA PHE B 265 -9.30 -12.27 -6.79
C PHE B 265 -10.09 -11.54 -5.73
N PHE B 266 -11.05 -10.72 -6.18
CA PHE B 266 -11.80 -9.87 -5.29
C PHE B 266 -13.26 -9.85 -5.66
N MET B 267 -14.04 -9.35 -4.72
CA MET B 267 -15.46 -9.11 -4.89
C MET B 267 -15.67 -7.64 -4.61
N PRO B 268 -16.09 -6.90 -5.63
CA PRO B 268 -16.43 -5.50 -5.43
C PRO B 268 -17.91 -5.43 -5.04
N GLY B 269 -18.22 -4.35 -4.31
CA GLY B 269 -19.57 -3.89 -4.06
C GLY B 269 -19.68 -2.39 -4.30
N PHE B 270 -20.87 -1.88 -4.02
CA PHE B 270 -21.08 -0.45 -4.04
C PHE B 270 -22.19 -0.16 -3.03
N ALA B 271 -22.21 1.05 -2.47
CA ALA B 271 -23.34 1.60 -1.74
C ALA B 271 -23.38 3.11 -1.99
N PRO B 272 -24.52 3.84 -1.93
CA PRO B 272 -25.80 3.29 -1.49
C PRO B 272 -26.58 2.69 -2.67
N LEU B 273 -26.93 1.39 -2.54
CA LEU B 273 -27.76 0.71 -3.53
C LEU B 273 -29.23 0.78 -3.11
N THR B 274 -29.96 1.74 -3.71
CA THR B 274 -31.35 2.00 -3.39
C THR B 274 -32.12 2.29 -4.69
N SER B 275 -33.44 2.01 -4.68
CA SER B 275 -34.36 2.38 -5.74
C SER B 275 -34.67 3.88 -5.67
N ARG B 276 -35.20 4.45 -6.76
CA ARG B 276 -35.66 5.82 -6.73
C ARG B 276 -36.88 5.95 -5.83
N GLY B 277 -36.81 6.90 -4.89
CA GLY B 277 -37.88 7.13 -3.94
C GLY B 277 -37.82 6.18 -2.75
N SER B 278 -36.81 5.30 -2.73
CA SER B 278 -36.49 4.47 -1.57
C SER B 278 -35.33 5.06 -0.79
N GLN B 279 -34.97 6.31 -1.10
CA GLN B 279 -33.89 7.00 -0.43
C GLN B 279 -34.43 8.03 0.56
N GLN B 280 -35.66 8.53 0.36
CA GLN B 280 -36.16 9.55 1.26
C GLN B 280 -36.34 8.92 2.65
N TYR B 281 -36.67 7.62 2.68
CA TYR B 281 -36.76 6.86 3.91
C TYR B 281 -35.38 6.82 4.55
N ARG B 282 -34.31 6.71 3.75
CA ARG B 282 -32.98 6.58 4.33
C ARG B 282 -32.42 7.95 4.72
N ALA B 283 -31.19 7.94 5.28
CA ALA B 283 -30.38 9.12 5.50
C ALA B 283 -28.90 8.75 5.45
N LEU B 284 -28.18 9.40 4.52
CA LEU B 284 -26.83 9.00 4.13
C LEU B 284 -25.84 9.28 5.26
N THR B 285 -25.30 8.19 5.83
CA THR B 285 -24.34 8.23 6.92
C THR B 285 -23.28 7.16 6.68
N VAL B 286 -22.12 7.35 7.32
CA VAL B 286 -21.02 6.39 7.23
C VAL B 286 -21.48 5.00 7.67
N PRO B 287 -22.16 4.85 8.84
CA PRO B 287 -22.70 3.57 9.26
C PRO B 287 -23.61 2.94 8.22
N GLU B 288 -24.52 3.74 7.64
CA GLU B 288 -25.46 3.27 6.64
C GLU B 288 -24.70 2.59 5.51
N LEU B 289 -23.72 3.32 4.97
CA LEU B 289 -22.97 2.87 3.81
C LEU B 289 -22.24 1.57 4.12
N THR B 290 -21.60 1.52 5.30
CA THR B 290 -20.83 0.36 5.69
C THR B 290 -21.75 -0.87 5.79
N GLN B 291 -22.91 -0.67 6.41
CA GLN B 291 -23.86 -1.75 6.63
C GLN B 291 -24.31 -2.31 5.28
N GLN B 292 -24.60 -1.41 4.33
CA GLN B 292 -25.02 -1.77 2.98
C GLN B 292 -23.93 -2.60 2.31
N MET B 293 -22.68 -2.11 2.38
CA MET B 293 -21.54 -2.73 1.72
C MET B 293 -21.30 -4.14 2.25
N PHE B 294 -21.43 -4.33 3.57
CA PHE B 294 -21.07 -5.61 4.18
C PHE B 294 -22.23 -6.60 4.15
N ASP B 295 -23.38 -6.17 3.60
CA ASP B 295 -24.54 -7.03 3.36
C ASP B 295 -24.34 -7.84 2.09
N ALA B 296 -24.85 -9.08 2.07
CA ALA B 296 -24.68 -10.05 0.99
C ALA B 296 -25.37 -9.60 -0.29
N LYS B 297 -26.48 -8.86 -0.15
CA LYS B 297 -27.28 -8.35 -1.26
C LYS B 297 -26.53 -7.33 -2.10
N ASN B 298 -25.41 -6.79 -1.57
CA ASN B 298 -24.68 -5.72 -2.23
C ASN B 298 -23.29 -6.20 -2.62
N MET B 299 -23.18 -7.51 -2.83
CA MET B 299 -21.99 -8.15 -3.35
C MET B 299 -22.21 -8.44 -4.82
N MET B 300 -21.19 -8.16 -5.64
CA MET B 300 -21.32 -8.38 -7.07
C MET B 300 -20.59 -9.65 -7.48
N ALA B 301 -20.49 -10.60 -6.54
CA ALA B 301 -19.92 -11.91 -6.75
C ALA B 301 -20.90 -13.02 -6.34
N ALA B 302 -20.60 -14.24 -6.83
CA ALA B 302 -21.42 -15.44 -6.69
C ALA B 302 -21.48 -15.88 -5.24
N CYS B 303 -20.30 -15.97 -4.61
CA CYS B 303 -20.13 -16.54 -3.29
C CYS B 303 -20.92 -15.72 -2.26
N ASP B 304 -21.59 -16.44 -1.37
CA ASP B 304 -22.10 -15.81 -0.16
C ASP B 304 -20.91 -15.62 0.77
N PRO B 305 -20.60 -14.37 1.21
CA PRO B 305 -19.44 -14.12 2.07
C PRO B 305 -19.36 -14.95 3.36
N ARG B 306 -20.52 -15.28 3.92
CA ARG B 306 -20.64 -15.93 5.22
C ARG B 306 -20.33 -17.42 5.09
N HIS B 307 -20.08 -17.87 3.85
CA HIS B 307 -19.63 -19.23 3.58
C HIS B 307 -18.11 -19.26 3.48
N GLY B 308 -17.47 -18.60 4.45
CA GLY B 308 -16.07 -18.24 4.44
C GLY B 308 -15.86 -16.97 5.25
N ARG B 309 -14.63 -16.45 5.24
CA ARG B 309 -14.25 -15.25 5.99
C ARG B 309 -13.43 -14.35 5.06
N TYR B 310 -13.67 -13.02 5.11
CA TYR B 310 -12.85 -12.09 4.36
C TYR B 310 -11.41 -12.12 4.87
N LEU B 311 -10.45 -12.48 3.99
CA LEU B 311 -9.02 -12.44 4.28
C LEU B 311 -8.59 -11.01 4.57
N THR B 312 -9.02 -10.08 3.70
CA THR B 312 -8.71 -8.66 3.78
C THR B 312 -9.94 -7.91 3.26
N VAL B 313 -9.97 -6.61 3.53
CA VAL B 313 -11.02 -5.74 3.04
C VAL B 313 -10.41 -4.37 2.78
N ALA B 314 -10.91 -3.70 1.74
CA ALA B 314 -10.50 -2.33 1.44
C ALA B 314 -11.69 -1.53 0.98
N ALA B 315 -12.15 -0.65 1.87
CA ALA B 315 -13.32 0.16 1.62
C ALA B 315 -12.88 1.57 1.23
N VAL B 316 -12.98 1.86 -0.07
CA VAL B 316 -12.59 3.13 -0.65
C VAL B 316 -13.80 4.08 -0.72
N PHE B 317 -13.98 4.89 0.33
CA PHE B 317 -15.15 5.74 0.43
C PHE B 317 -14.96 6.96 -0.45
N ARG B 318 -16.07 7.64 -0.68
CA ARG B 318 -16.08 8.87 -1.46
C ARG B 318 -16.97 9.88 -0.74
N GLY B 319 -16.79 11.16 -1.08
CA GLY B 319 -17.56 12.22 -0.46
C GLY B 319 -17.00 12.59 0.92
N ARG B 320 -17.56 13.66 1.52
CA ARG B 320 -16.92 14.36 2.63
C ARG B 320 -17.38 13.76 3.95
N MET B 321 -16.43 13.16 4.66
CA MET B 321 -16.75 12.41 5.87
C MET B 321 -15.61 12.48 6.86
N SER B 322 -15.95 12.13 8.08
CA SER B 322 -15.03 12.05 9.19
C SER B 322 -14.33 10.70 9.17
N MET B 323 -13.02 10.76 8.93
CA MET B 323 -12.09 9.66 9.08
C MET B 323 -12.40 8.90 10.36
N LYS B 324 -12.58 9.66 11.46
CA LYS B 324 -12.90 9.11 12.77
C LYS B 324 -14.15 8.24 12.68
N GLU B 325 -15.18 8.80 12.03
CA GLU B 325 -16.45 8.10 11.94
C GLU B 325 -16.22 6.76 11.25
N VAL B 326 -15.52 6.80 10.11
CA VAL B 326 -15.22 5.63 9.31
C VAL B 326 -14.39 4.64 10.14
N ASP B 327 -13.39 5.17 10.84
CA ASP B 327 -12.49 4.34 11.62
C ASP B 327 -13.28 3.58 12.67
N GLU B 328 -14.05 4.35 13.45
CA GLU B 328 -14.81 3.87 14.59
C GLU B 328 -15.88 2.90 14.12
N GLN B 329 -16.46 3.20 12.95
CA GLN B 329 -17.54 2.44 12.34
C GLN B 329 -17.05 1.06 11.91
N MET B 330 -15.87 1.02 11.29
CA MET B 330 -15.28 -0.20 10.74
C MET B 330 -14.55 -1.01 11.81
N LEU B 331 -14.47 -0.46 13.02
CA LEU B 331 -13.90 -1.18 14.16
C LEU B 331 -14.98 -2.07 14.78
N ASN B 332 -16.15 -1.47 15.00
CA ASN B 332 -17.39 -2.15 15.35
C ASN B 332 -17.57 -3.35 14.42
N VAL B 333 -17.40 -3.10 13.12
CA VAL B 333 -17.68 -4.08 12.09
C VAL B 333 -16.76 -5.29 12.24
N GLN B 334 -15.46 -5.03 12.44
CA GLN B 334 -14.49 -6.07 12.64
C GLN B 334 -14.93 -6.99 13.78
N ASN B 335 -15.45 -6.39 14.86
CA ASN B 335 -15.86 -7.05 16.10
C ASN B 335 -17.10 -7.92 15.90
N LYS B 336 -18.13 -7.36 15.26
CA LYS B 336 -19.43 -8.02 15.09
C LYS B 336 -19.28 -9.33 14.31
N ASN B 337 -18.61 -9.24 13.14
CA ASN B 337 -18.42 -10.36 12.23
C ASN B 337 -17.08 -11.03 12.53
N SER B 338 -16.92 -11.43 13.79
CA SER B 338 -15.69 -12.05 14.25
C SER B 338 -15.43 -13.33 13.45
N SER B 339 -16.52 -14.02 13.10
CA SER B 339 -16.48 -15.26 12.34
C SER B 339 -15.99 -15.02 10.91
N TYR B 340 -16.36 -13.87 10.34
CA TYR B 340 -16.11 -13.58 8.94
C TYR B 340 -15.03 -12.51 8.78
N PHE B 341 -13.98 -12.59 9.60
CA PHE B 341 -12.72 -11.89 9.36
C PHE B 341 -11.58 -12.82 9.76
N VAL B 342 -10.61 -12.99 8.87
CA VAL B 342 -9.54 -13.96 9.08
C VAL B 342 -8.60 -13.45 10.17
N GLU B 343 -8.12 -14.40 10.98
CA GLU B 343 -7.34 -14.14 12.18
C GLU B 343 -5.94 -13.65 11.82
N TRP B 344 -5.32 -14.32 10.83
CA TRP B 344 -3.94 -14.08 10.42
C TRP B 344 -3.60 -12.60 10.49
N ILE B 345 -4.52 -11.78 9.98
CA ILE B 345 -4.33 -10.38 9.61
C ILE B 345 -5.17 -9.52 10.55
N PRO B 346 -4.57 -8.87 11.57
CA PRO B 346 -5.30 -7.89 12.37
C PRO B 346 -5.34 -6.64 11.51
N ASN B 347 -6.20 -5.68 11.90
CA ASN B 347 -6.48 -4.55 11.04
C ASN B 347 -6.84 -5.09 9.66
N ASN B 348 -7.84 -5.98 9.62
CA ASN B 348 -8.28 -6.64 8.40
C ASN B 348 -8.67 -5.62 7.35
N VAL B 349 -9.44 -4.61 7.76
CA VAL B 349 -10.02 -3.63 6.85
C VAL B 349 -9.00 -2.52 6.60
N LYS B 350 -9.06 -1.90 5.40
CA LYS B 350 -8.18 -0.80 5.00
C LYS B 350 -9.01 0.33 4.38
N THR B 351 -9.16 1.43 5.12
CA THR B 351 -10.02 2.53 4.71
C THR B 351 -9.21 3.52 3.89
N ALA B 352 -9.82 4.03 2.81
CA ALA B 352 -9.28 5.11 2.03
C ALA B 352 -10.39 6.07 1.69
N VAL B 353 -10.16 7.36 1.93
CA VAL B 353 -11.21 8.35 1.90
C VAL B 353 -10.91 9.37 0.81
N CYS B 354 -11.55 9.19 -0.34
CA CYS B 354 -11.47 10.22 -1.35
C CYS B 354 -12.38 11.37 -0.93
N ASP B 355 -11.96 12.58 -1.31
CA ASP B 355 -12.63 13.81 -0.93
C ASP B 355 -13.68 14.24 -1.98
N ILE B 356 -13.93 13.37 -2.96
CA ILE B 356 -14.86 13.72 -4.04
C ILE B 356 -16.05 12.78 -3.98
N PRO B 357 -17.30 13.30 -3.95
CA PRO B 357 -18.48 12.47 -4.11
C PRO B 357 -18.69 12.14 -5.59
N PRO B 358 -19.54 11.15 -5.97
CA PRO B 358 -19.84 10.87 -7.39
C PRO B 358 -20.94 11.69 -8.07
N ARG B 359 -20.79 13.02 -8.05
CA ARG B 359 -21.64 13.97 -8.76
C ARG B 359 -23.11 13.60 -8.69
N GLY B 360 -23.69 13.66 -7.46
CA GLY B 360 -25.12 13.54 -7.26
C GLY B 360 -25.54 12.75 -6.02
N LEU B 361 -24.58 12.09 -5.37
CA LEU B 361 -24.76 11.47 -4.07
C LEU B 361 -23.84 12.18 -3.08
N LYS B 362 -24.44 12.68 -2.00
CA LYS B 362 -23.70 13.46 -1.01
C LYS B 362 -22.59 12.60 -0.40
N MET B 363 -22.88 11.31 -0.17
CA MET B 363 -21.88 10.33 0.22
C MET B 363 -22.07 9.09 -0.64
N SER B 364 -21.03 8.24 -0.63
CA SER B 364 -20.99 6.99 -1.37
C SER B 364 -19.82 6.15 -0.85
N ALA B 365 -19.79 4.86 -1.24
CA ALA B 365 -18.71 3.96 -0.85
C ALA B 365 -18.48 2.91 -1.94
N THR B 366 -17.32 2.25 -1.91
CA THR B 366 -17.03 1.12 -2.78
C THR B 366 -16.26 0.08 -2.00
N PHE B 367 -16.78 -1.15 -2.00
CA PHE B 367 -16.17 -2.24 -1.27
C PHE B 367 -15.23 -2.99 -2.20
N ILE B 368 -14.18 -3.59 -1.62
CA ILE B 368 -13.35 -4.61 -2.23
C ILE B 368 -13.04 -5.63 -1.14
N GLY B 369 -13.54 -6.85 -1.37
CA GLY B 369 -13.36 -7.91 -0.42
C GLY B 369 -12.57 -9.05 -1.02
N ASN B 370 -11.70 -9.61 -0.20
CA ASN B 370 -11.04 -10.84 -0.56
C ASN B 370 -11.51 -11.88 0.45
N SER B 371 -12.42 -12.75 -0.01
CA SER B 371 -13.02 -13.77 0.81
C SER B 371 -12.56 -15.16 0.34
N THR B 372 -12.24 -16.00 1.33
CA THR B 372 -11.98 -17.42 1.16
C THR B 372 -13.17 -18.06 0.45
N ALA B 373 -14.36 -17.44 0.61
CA ALA B 373 -15.64 -17.96 0.14
C ALA B 373 -15.66 -18.05 -1.39
N ILE B 374 -14.89 -17.20 -2.07
CA ILE B 374 -14.91 -17.14 -3.52
C ILE B 374 -14.37 -18.45 -4.10
N GLN B 375 -13.76 -19.30 -3.26
CA GLN B 375 -13.37 -20.65 -3.66
C GLN B 375 -14.58 -21.39 -4.23
N GLU B 376 -15.78 -21.07 -3.72
CA GLU B 376 -17.01 -21.74 -4.10
C GLU B 376 -17.32 -21.48 -5.57
N LEU B 377 -17.11 -20.24 -6.02
CA LEU B 377 -17.28 -19.87 -7.42
C LEU B 377 -16.43 -20.79 -8.31
N PHE B 378 -15.16 -20.95 -7.93
CA PHE B 378 -14.22 -21.77 -8.68
C PHE B 378 -14.63 -23.24 -8.64
N LYS B 379 -15.11 -23.72 -7.49
CA LYS B 379 -15.63 -25.07 -7.35
C LYS B 379 -16.73 -25.35 -8.37
N ARG B 380 -17.67 -24.41 -8.52
CA ARG B 380 -18.86 -24.59 -9.35
C ARG B 380 -18.44 -24.82 -10.80
N ILE B 381 -17.51 -23.97 -11.26
CA ILE B 381 -16.99 -24.03 -12.60
C ILE B 381 -16.14 -25.29 -12.78
N SER B 382 -15.32 -25.63 -11.78
CA SER B 382 -14.49 -26.82 -11.79
C SER B 382 -15.37 -28.06 -11.99
N GLU B 383 -16.47 -28.14 -11.23
CA GLU B 383 -17.42 -29.25 -11.27
C GLU B 383 -18.05 -29.38 -12.65
N GLN B 384 -18.63 -28.25 -13.13
CA GLN B 384 -19.30 -28.15 -14.42
C GLN B 384 -18.36 -28.63 -15.51
N PHE B 385 -17.16 -28.05 -15.52
CA PHE B 385 -16.11 -28.40 -16.46
C PHE B 385 -15.79 -29.89 -16.39
N THR B 386 -15.52 -30.38 -15.17
CA THR B 386 -14.97 -31.71 -14.96
C THR B 386 -15.88 -32.76 -15.57
N ALA B 387 -17.19 -32.63 -15.30
CA ALA B 387 -18.20 -33.58 -15.76
C ALA B 387 -18.15 -33.68 -17.28
N MET B 388 -18.12 -32.53 -17.96
CA MET B 388 -18.10 -32.48 -19.41
C MET B 388 -16.80 -33.02 -19.99
N PHE B 389 -15.69 -32.78 -19.28
CA PHE B 389 -14.42 -33.35 -19.70
C PHE B 389 -14.44 -34.88 -19.57
N ARG B 390 -15.15 -35.40 -18.57
CA ARG B 390 -15.34 -36.83 -18.42
C ARG B 390 -15.87 -37.46 -19.71
N ARG B 391 -16.71 -36.75 -20.48
CA ARG B 391 -17.28 -37.28 -21.72
C ARG B 391 -16.53 -36.73 -22.93
N LYS B 392 -15.42 -36.02 -22.68
CA LYS B 392 -14.53 -35.41 -23.67
C LYS B 392 -15.31 -34.50 -24.60
N ALA B 393 -16.29 -33.82 -23.99
CA ALA B 393 -17.36 -33.16 -24.71
C ALA B 393 -16.86 -31.89 -25.37
N PHE B 394 -17.38 -31.64 -26.59
CA PHE B 394 -17.17 -30.42 -27.36
C PHE B 394 -15.72 -30.29 -27.76
N LEU B 395 -15.00 -31.37 -27.52
CA LEU B 395 -13.57 -31.43 -27.64
C LEU B 395 -13.17 -31.00 -29.03
N HIS B 396 -13.96 -31.38 -30.04
CA HIS B 396 -13.54 -31.33 -31.42
C HIS B 396 -13.30 -29.89 -31.86
N TRP B 397 -14.08 -28.97 -31.27
CA TRP B 397 -13.92 -27.57 -31.58
C TRP B 397 -12.56 -27.02 -31.17
N TYR B 398 -11.99 -27.58 -30.10
CA TYR B 398 -10.76 -27.07 -29.52
C TYR B 398 -9.55 -27.79 -30.10
N THR B 399 -9.67 -29.11 -30.24
CA THR B 399 -8.60 -29.91 -30.84
C THR B 399 -8.35 -29.42 -32.25
N GLY B 400 -9.43 -29.00 -32.93
CA GLY B 400 -9.39 -28.40 -34.24
C GLY B 400 -8.50 -27.17 -34.32
N GLU B 401 -8.30 -26.47 -33.18
CA GLU B 401 -7.52 -25.24 -33.14
C GLU B 401 -6.14 -25.46 -32.51
N GLY B 402 -5.77 -26.72 -32.27
CA GLY B 402 -4.42 -27.09 -31.89
C GLY B 402 -4.28 -27.46 -30.41
N MET B 403 -5.35 -27.26 -29.66
CA MET B 403 -5.30 -27.45 -28.22
C MET B 403 -5.43 -28.93 -27.87
N ASP B 404 -4.97 -29.27 -26.66
CA ASP B 404 -4.70 -30.65 -26.30
C ASP B 404 -5.32 -30.96 -24.94
N GLU B 405 -5.62 -32.24 -24.72
CA GLU B 405 -6.22 -32.79 -23.51
C GLU B 405 -5.37 -32.46 -22.27
N MET B 406 -4.05 -32.49 -22.46
CA MET B 406 -3.13 -32.31 -21.35
C MET B 406 -3.25 -30.90 -20.81
N GLU B 407 -3.40 -29.94 -21.73
CA GLU B 407 -3.67 -28.54 -21.42
C GLU B 407 -4.87 -28.44 -20.48
N PHE B 408 -5.96 -29.11 -20.85
CA PHE B 408 -7.20 -29.08 -20.08
C PHE B 408 -6.98 -29.63 -18.68
N THR B 409 -6.24 -30.75 -18.60
CA THR B 409 -5.86 -31.38 -17.35
C THR B 409 -5.10 -30.37 -16.48
N GLU B 410 -4.17 -29.64 -17.10
CA GLU B 410 -3.36 -28.64 -16.42
C GLU B 410 -4.22 -27.48 -15.95
N ALA B 411 -5.22 -27.09 -16.74
CA ALA B 411 -6.18 -26.06 -16.37
C ALA B 411 -6.99 -26.50 -15.15
N GLU B 412 -7.39 -27.78 -15.14
CA GLU B 412 -8.07 -28.35 -13.98
C GLU B 412 -7.17 -28.30 -12.74
N SER B 413 -5.88 -28.60 -12.94
CA SER B 413 -4.90 -28.55 -11.86
C SER B 413 -4.85 -27.13 -11.27
N ASN B 414 -4.89 -26.11 -12.14
CA ASN B 414 -4.87 -24.70 -11.75
C ASN B 414 -6.05 -24.39 -10.84
N MET B 415 -7.23 -24.86 -11.25
CA MET B 415 -8.48 -24.66 -10.53
C MET B 415 -8.37 -25.28 -9.14
N ASN B 416 -7.89 -26.53 -9.10
CA ASN B 416 -7.73 -27.29 -7.88
C ASN B 416 -6.76 -26.57 -6.94
N ASP B 417 -5.65 -26.06 -7.51
CA ASP B 417 -4.64 -25.33 -6.75
C ASP B 417 -5.25 -24.10 -6.09
N LEU B 418 -6.13 -23.40 -6.80
CA LEU B 418 -6.71 -22.17 -6.28
C LEU B 418 -7.63 -22.44 -5.10
N VAL B 419 -8.36 -23.55 -5.12
CA VAL B 419 -9.39 -23.81 -4.12
C VAL B 419 -8.75 -24.34 -2.82
N SER B 420 -7.66 -25.12 -2.93
CA SER B 420 -6.93 -25.70 -1.81
C SER B 420 -6.27 -24.61 -0.95
N GLU B 421 -5.68 -23.61 -1.62
CA GLU B 421 -5.01 -22.50 -0.96
C GLU B 421 -6.00 -21.69 -0.12
N TYR B 422 -7.17 -21.40 -0.68
CA TYR B 422 -8.20 -20.74 0.11
C TYR B 422 -8.62 -21.57 1.33
N GLN B 423 -8.76 -22.89 1.17
CA GLN B 423 -9.12 -23.80 2.24
C GLN B 423 -8.10 -23.69 3.38
N GLN B 424 -6.82 -23.67 3.01
CA GLN B 424 -5.71 -23.58 3.96
C GLN B 424 -5.82 -22.31 4.81
N TYR B 425 -6.20 -21.19 4.18
CA TYR B 425 -6.28 -19.90 4.85
C TYR B 425 -7.74 -19.59 5.18
N GLN B 426 -8.52 -20.63 5.46
CA GLN B 426 -9.87 -20.46 5.94
C GLN B 426 -9.81 -20.18 7.45
N ALA C 1 37.18 -58.78 -10.54
CA ALA C 1 35.87 -58.71 -9.81
C ALA C 1 35.94 -57.73 -8.64
N ASP C 2 37.14 -57.53 -8.08
CA ASP C 2 37.39 -56.56 -7.01
C ASP C 2 37.24 -55.13 -7.56
N LYS C 3 37.78 -54.89 -8.77
CA LYS C 3 37.71 -53.61 -9.45
C LYS C 3 36.35 -53.45 -10.12
N GLN C 4 35.64 -54.56 -10.35
CA GLN C 4 34.32 -54.57 -10.97
C GLN C 4 33.28 -53.92 -10.05
N MET C 5 33.53 -53.94 -8.73
CA MET C 5 32.63 -53.33 -7.76
C MET C 5 33.08 -51.92 -7.38
N SER C 6 34.38 -51.62 -7.56
CA SER C 6 34.93 -50.30 -7.29
C SER C 6 34.44 -49.26 -8.30
N VAL C 7 34.20 -49.74 -9.54
CA VAL C 7 33.60 -48.95 -10.62
C VAL C 7 32.07 -48.89 -10.43
N LYS C 8 31.53 -49.78 -9.59
CA LYS C 8 30.13 -49.80 -9.21
C LYS C 8 29.93 -49.10 -7.86
N GLU C 9 31.04 -48.75 -7.19
CA GLU C 9 31.00 -48.01 -5.94
C GLU C 9 30.68 -46.54 -6.22
N ASP C 10 31.03 -46.07 -7.43
CA ASP C 10 30.91 -44.66 -7.80
C ASP C 10 29.43 -44.24 -7.86
N LEU C 11 28.56 -45.15 -8.32
CA LEU C 11 27.13 -44.88 -8.33
C LEU C 11 26.55 -44.97 -6.92
N ASP C 12 27.27 -45.64 -6.00
CA ASP C 12 26.83 -45.81 -4.62
C ASP C 12 27.29 -44.65 -3.74
N LYS C 13 28.46 -44.06 -4.05
CA LYS C 13 29.01 -42.95 -3.29
C LYS C 13 28.36 -41.61 -3.68
N VAL C 14 27.74 -41.59 -4.88
CA VAL C 14 26.98 -40.45 -5.37
C VAL C 14 25.49 -40.65 -5.08
N GLU C 15 25.11 -41.86 -4.63
CA GLU C 15 23.72 -42.20 -4.31
C GLU C 15 23.15 -41.25 -3.26
N PRO C 16 23.84 -40.95 -2.12
CA PRO C 16 23.31 -39.98 -1.14
C PRO C 16 23.16 -38.57 -1.74
N ALA C 17 24.10 -38.19 -2.63
CA ALA C 17 24.10 -36.89 -3.28
C ALA C 17 22.95 -36.76 -4.28
N VAL C 18 22.82 -37.74 -5.20
CA VAL C 18 21.78 -37.72 -6.24
C VAL C 18 20.40 -37.67 -5.60
N ILE C 19 20.17 -38.52 -4.58
CA ILE C 19 18.87 -38.62 -3.94
C ILE C 19 18.51 -37.31 -3.25
N GLU C 20 19.47 -36.66 -2.58
CA GLU C 20 19.22 -35.39 -1.88
C GLU C 20 19.03 -34.24 -2.86
N ALA C 21 19.71 -34.29 -4.01
CA ALA C 21 19.63 -33.26 -5.05
C ALA C 21 18.27 -33.31 -5.75
N GLN C 22 17.74 -34.54 -5.93
CA GLN C 22 16.42 -34.78 -6.49
C GLN C 22 15.33 -34.65 -5.43
N ASN C 23 15.73 -34.55 -4.16
CA ASN C 23 14.87 -34.23 -3.03
C ASN C 23 14.71 -32.72 -2.91
N ALA C 24 15.58 -31.97 -3.58
CA ALA C 24 15.48 -30.52 -3.64
C ALA C 24 14.53 -30.11 -4.77
N VAL C 25 14.23 -31.05 -5.67
CA VAL C 25 13.26 -30.85 -6.75
C VAL C 25 11.86 -30.95 -6.14
N LYS C 26 11.63 -31.97 -5.29
CA LYS C 26 10.36 -32.26 -4.65
C LYS C 26 10.01 -31.19 -3.61
N SER C 27 11.04 -30.59 -3.01
CA SER C 27 10.89 -29.56 -2.00
C SER C 27 10.80 -28.19 -2.68
N ILE C 28 9.79 -28.07 -3.56
CA ILE C 28 9.51 -26.87 -4.33
C ILE C 28 8.04 -26.51 -4.12
N LYS C 29 7.82 -25.25 -3.71
CA LYS C 29 6.49 -24.69 -3.53
C LYS C 29 6.11 -23.92 -4.80
N LYS C 30 4.84 -24.06 -5.21
CA LYS C 30 4.33 -23.38 -6.39
C LYS C 30 4.25 -21.88 -6.14
N GLN C 31 4.04 -21.50 -4.87
CA GLN C 31 3.88 -20.11 -4.48
C GLN C 31 5.23 -19.39 -4.49
N HIS C 32 6.30 -20.14 -4.17
CA HIS C 32 7.62 -19.54 -4.05
C HIS C 32 8.18 -19.16 -5.41
N LEU C 33 7.75 -19.91 -6.44
CA LEU C 33 8.21 -19.68 -7.80
C LEU C 33 7.65 -18.34 -8.29
N VAL C 34 6.37 -18.09 -8.02
CA VAL C 34 5.64 -16.96 -8.59
C VAL C 34 5.94 -15.69 -7.80
N GLU C 35 6.54 -15.82 -6.61
CA GLU C 35 7.05 -14.70 -5.83
C GLU C 35 8.16 -14.02 -6.62
N VAL C 36 8.93 -14.87 -7.32
CA VAL C 36 9.97 -14.43 -8.22
C VAL C 36 9.35 -13.84 -9.49
N ARG C 37 8.16 -14.34 -9.89
CA ARG C 37 7.45 -13.88 -11.07
C ARG C 37 6.78 -12.53 -10.82
N SER C 38 6.53 -12.22 -9.54
CA SER C 38 5.81 -11.03 -9.08
C SER C 38 6.79 -9.97 -8.56
N MET C 39 8.08 -10.29 -8.58
CA MET C 39 9.14 -9.45 -8.07
C MET C 39 9.76 -8.67 -9.22
N ALA C 40 9.83 -7.34 -9.04
CA ALA C 40 10.17 -6.44 -10.12
C ALA C 40 11.56 -5.80 -9.92
N ASN C 41 11.94 -5.54 -8.65
CA ASN C 41 13.21 -4.92 -8.29
C ASN C 41 13.85 -5.69 -7.12
N PRO C 42 14.32 -6.94 -7.36
CA PRO C 42 14.73 -7.85 -6.29
C PRO C 42 16.06 -7.52 -5.60
N PRO C 43 16.33 -8.15 -4.42
CA PRO C 43 17.66 -8.10 -3.82
C PRO C 43 18.69 -8.66 -4.80
N ALA C 44 19.92 -8.16 -4.73
CA ALA C 44 20.98 -8.54 -5.66
C ALA C 44 21.43 -9.98 -5.41
N ALA C 45 21.10 -10.50 -4.22
CA ALA C 45 21.42 -11.85 -3.79
C ALA C 45 20.50 -12.85 -4.50
N VAL C 46 19.21 -12.56 -4.54
CA VAL C 46 18.22 -13.43 -5.15
C VAL C 46 18.30 -13.31 -6.67
N LYS C 47 18.83 -12.17 -7.16
CA LYS C 47 19.00 -11.92 -8.58
C LYS C 47 20.09 -12.84 -9.13
N LEU C 48 21.19 -12.96 -8.38
CA LEU C 48 22.31 -13.83 -8.74
C LEU C 48 21.90 -15.31 -8.59
N ALA C 49 21.00 -15.57 -7.62
CA ALA C 49 20.48 -16.90 -7.33
C ALA C 49 19.69 -17.46 -8.51
N LEU C 50 19.07 -16.58 -9.31
CA LEU C 50 18.34 -16.97 -10.51
C LEU C 50 19.23 -16.96 -11.75
N GLU C 51 20.31 -16.16 -11.72
CA GLU C 51 21.38 -16.23 -12.71
C GLU C 51 22.09 -17.58 -12.61
N SER C 52 22.03 -18.21 -11.43
CA SER C 52 22.57 -19.53 -11.20
C SER C 52 21.84 -20.58 -12.05
N ILE C 53 20.51 -20.46 -12.09
CA ILE C 53 19.63 -21.39 -12.79
C ILE C 53 19.32 -20.86 -14.20
N ALA C 54 19.64 -19.60 -14.47
CA ALA C 54 19.42 -18.99 -15.79
C ALA C 54 20.27 -19.71 -16.85
N LEU C 55 21.59 -19.81 -16.61
CA LEU C 55 22.52 -20.40 -17.56
C LEU C 55 22.58 -21.92 -17.44
N LEU C 56 21.98 -22.48 -16.38
CA LEU C 56 21.82 -23.92 -16.23
C LEU C 56 20.97 -24.45 -17.39
N LEU C 57 19.94 -23.69 -17.77
CA LEU C 57 19.07 -23.99 -18.90
C LEU C 57 19.66 -23.42 -20.19
N GLY C 58 20.42 -22.32 -20.08
CA GLY C 58 21.26 -21.86 -21.18
C GLY C 58 20.93 -20.45 -21.67
N GLU C 59 20.63 -19.55 -20.71
CA GLU C 59 20.28 -18.16 -21.02
C GLU C 59 21.36 -17.23 -20.45
N SER C 60 22.08 -16.58 -21.38
CA SER C 60 23.27 -15.79 -21.09
C SER C 60 22.92 -14.36 -20.66
N THR C 61 21.64 -13.97 -20.84
CA THR C 61 21.15 -12.65 -20.47
C THR C 61 21.14 -12.51 -18.96
N THR C 62 21.46 -11.29 -18.48
CA THR C 62 21.70 -11.06 -17.06
C THR C 62 20.85 -9.91 -16.51
N ASP C 63 20.29 -9.09 -17.40
CA ASP C 63 19.36 -8.04 -17.00
C ASP C 63 18.20 -8.67 -16.24
N TRP C 64 17.67 -7.97 -15.22
CA TRP C 64 16.55 -8.50 -14.46
C TRP C 64 15.24 -8.32 -15.21
N LYS C 65 15.15 -7.25 -16.01
CA LYS C 65 13.99 -6.96 -16.81
C LYS C 65 13.81 -8.02 -17.90
N GLN C 66 14.95 -8.57 -18.35
CA GLN C 66 15.01 -9.53 -19.45
C GLN C 66 15.06 -10.98 -18.95
N ILE C 67 15.55 -11.18 -17.72
CA ILE C 67 15.70 -12.54 -17.20
C ILE C 67 14.39 -12.99 -16.55
N ARG C 68 13.52 -12.04 -16.20
CA ARG C 68 12.26 -12.38 -15.56
C ARG C 68 11.31 -13.02 -16.57
N SER C 69 11.65 -12.93 -17.87
CA SER C 69 10.84 -13.48 -18.95
C SER C 69 10.87 -15.01 -18.90
N ILE C 70 12.06 -15.60 -18.72
CA ILE C 70 12.22 -17.04 -18.57
C ILE C 70 11.47 -17.52 -17.31
N ILE C 71 11.62 -16.75 -16.22
CA ILE C 71 10.93 -17.00 -14.96
C ILE C 71 9.42 -16.92 -15.17
N MET C 72 8.98 -15.90 -15.94
CA MET C 72 7.58 -15.60 -16.20
C MET C 72 6.91 -16.72 -16.99
N ARG C 73 7.62 -17.30 -17.97
CA ARG C 73 7.06 -18.32 -18.83
C ARG C 73 6.74 -19.57 -18.03
N GLU C 74 5.78 -20.35 -18.56
CA GLU C 74 5.21 -21.50 -17.88
C GLU C 74 6.01 -22.76 -18.21
N ASN C 75 6.99 -22.62 -19.12
CA ASN C 75 7.93 -23.69 -19.47
C ASN C 75 8.85 -23.98 -18.30
N PHE C 76 8.94 -23.01 -17.39
CA PHE C 76 9.95 -22.93 -16.36
C PHE C 76 9.73 -23.99 -15.27
N ILE C 77 8.46 -24.36 -15.02
CA ILE C 77 8.12 -25.24 -13.91
C ILE C 77 8.38 -26.71 -14.25
N PRO C 78 7.92 -27.27 -15.40
CA PRO C 78 8.14 -28.69 -15.71
C PRO C 78 9.59 -29.04 -16.02
N THR C 79 10.37 -28.05 -16.45
CA THR C 79 11.77 -28.26 -16.80
C THR C 79 12.61 -28.46 -15.54
N ILE C 80 12.16 -27.91 -14.40
CA ILE C 80 12.86 -28.03 -13.13
C ILE C 80 12.57 -29.42 -12.54
N VAL C 81 11.50 -30.08 -13.01
CA VAL C 81 11.03 -31.33 -12.46
C VAL C 81 11.94 -32.47 -12.94
N ASN C 82 12.17 -32.53 -14.26
CA ASN C 82 12.76 -33.68 -14.92
C ASN C 82 14.27 -33.50 -15.12
N PHE C 83 14.85 -32.46 -14.49
CA PHE C 83 16.16 -31.96 -14.89
C PHE C 83 17.27 -32.90 -14.42
N SER C 84 18.25 -33.11 -15.30
CA SER C 84 19.44 -33.91 -15.04
C SER C 84 20.68 -33.21 -15.58
N ALA C 85 21.73 -33.14 -14.74
CA ALA C 85 23.01 -32.56 -15.08
C ALA C 85 23.92 -33.58 -15.78
N GLU C 86 23.48 -34.84 -15.82
CA GLU C 86 24.17 -35.90 -16.53
C GLU C 86 24.25 -35.56 -18.02
N GLU C 87 23.16 -34.99 -18.53
CA GLU C 87 23.01 -34.59 -19.93
C GLU C 87 23.49 -33.15 -20.16
N ILE C 88 23.58 -32.36 -19.07
CA ILE C 88 24.10 -30.99 -19.11
C ILE C 88 25.58 -31.02 -19.51
N SER C 89 25.94 -30.15 -20.46
CA SER C 89 27.30 -30.10 -20.99
C SER C 89 28.29 -29.68 -19.89
N ASP C 90 29.51 -30.22 -20.00
CA ASP C 90 30.63 -29.97 -19.12
C ASP C 90 31.06 -28.50 -19.19
N ALA C 91 31.14 -27.96 -20.41
CA ALA C 91 31.59 -26.59 -20.68
C ALA C 91 30.71 -25.56 -19.97
N ILE C 92 29.38 -25.68 -20.14
CA ILE C 92 28.43 -24.79 -19.49
C ILE C 92 28.49 -24.96 -17.97
N ARG C 93 28.60 -26.22 -17.50
CA ARG C 93 28.77 -26.55 -16.09
C ARG C 93 30.03 -25.89 -15.53
N GLU C 94 31.12 -25.90 -16.32
CA GLU C 94 32.38 -25.26 -15.97
C GLU C 94 32.14 -23.78 -15.71
N LYS C 95 31.37 -23.12 -16.59
CA LYS C 95 30.88 -21.77 -16.39
C LYS C 95 30.02 -21.67 -15.13
N MET C 96 29.21 -22.70 -14.84
CA MET C 96 28.40 -22.70 -13.63
C MET C 96 29.28 -22.91 -12.39
N LYS C 97 30.42 -23.60 -12.54
CA LYS C 97 31.33 -23.86 -11.42
C LYS C 97 32.18 -22.62 -11.10
N LYS C 98 32.75 -22.01 -12.15
CA LYS C 98 33.66 -20.88 -12.06
C LYS C 98 32.97 -19.67 -11.42
N ASN C 99 31.77 -19.33 -11.92
CA ASN C 99 31.01 -18.18 -11.48
C ASN C 99 30.47 -18.37 -10.07
N TYR C 100 29.95 -19.58 -9.77
CA TYR C 100 29.16 -19.84 -8.56
C TYR C 100 30.00 -20.39 -7.41
N MET C 101 31.29 -20.65 -7.64
CA MET C 101 32.22 -20.99 -6.57
C MET C 101 32.81 -19.74 -5.92
N SER C 102 32.46 -18.57 -6.48
CA SER C 102 32.86 -17.24 -6.00
C SER C 102 31.70 -16.53 -5.28
N ASN C 103 30.48 -17.09 -5.40
CA ASN C 103 29.25 -16.43 -4.98
C ASN C 103 29.18 -16.31 -3.45
N PRO C 104 28.83 -15.11 -2.92
CA PRO C 104 28.27 -14.99 -1.57
C PRO C 104 26.90 -15.68 -1.48
N SER C 105 26.16 -15.67 -2.60
CA SER C 105 24.81 -16.22 -2.70
C SER C 105 24.82 -17.75 -2.63
N TYR C 106 25.96 -18.36 -3.00
CA TYR C 106 26.11 -19.81 -2.94
C TYR C 106 26.15 -20.27 -1.47
N ASN C 107 26.65 -19.37 -0.59
CA ASN C 107 26.64 -19.60 0.84
C ASN C 107 25.19 -19.62 1.31
N TYR C 108 24.80 -20.73 1.95
CA TYR C 108 23.40 -21.03 2.17
C TYR C 108 22.79 -20.06 3.18
N GLU C 109 23.62 -19.11 3.64
CA GLU C 109 23.33 -18.18 4.72
C GLU C 109 22.82 -16.86 4.15
N ILE C 110 23.37 -16.47 2.99
CA ILE C 110 23.10 -15.21 2.33
C ILE C 110 21.70 -15.26 1.72
N VAL C 111 21.44 -16.33 0.97
CA VAL C 111 20.17 -16.58 0.32
C VAL C 111 19.05 -16.63 1.36
N ASN C 112 19.25 -17.42 2.42
CA ASN C 112 18.24 -17.65 3.45
C ASN C 112 17.87 -16.33 4.11
N ARG C 113 18.89 -15.51 4.37
CA ARG C 113 18.71 -14.20 4.97
C ARG C 113 17.90 -13.30 4.02
N ALA C 114 18.28 -13.29 2.73
CA ALA C 114 17.65 -12.46 1.71
C ALA C 114 16.14 -12.76 1.64
N SER C 115 15.81 -14.04 1.47
CA SER C 115 14.44 -14.51 1.33
C SER C 115 14.37 -16.01 1.51
N LEU C 116 13.19 -16.50 1.93
CA LEU C 116 12.89 -17.92 1.92
C LEU C 116 12.19 -18.30 0.61
N ALA C 117 11.94 -17.29 -0.21
CA ALA C 117 11.50 -17.43 -1.59
C ALA C 117 12.62 -17.99 -2.48
N ALA C 118 13.88 -17.67 -2.13
CA ALA C 118 15.01 -18.16 -2.91
C ALA C 118 15.78 -19.24 -2.15
N GLY C 119 15.32 -19.53 -0.92
CA GLY C 119 16.00 -20.41 0.02
C GLY C 119 16.16 -21.84 -0.50
N PRO C 120 15.07 -22.62 -0.62
CA PRO C 120 15.16 -24.01 -1.11
C PRO C 120 15.66 -24.18 -2.55
N MET C 121 15.55 -23.13 -3.37
CA MET C 121 15.99 -23.23 -4.75
C MET C 121 17.50 -23.05 -4.88
N VAL C 122 18.09 -22.22 -3.99
CA VAL C 122 19.54 -22.16 -3.90
C VAL C 122 20.03 -23.47 -3.25
N LYS C 123 19.25 -23.97 -2.29
CA LYS C 123 19.46 -25.29 -1.72
C LYS C 123 19.37 -26.37 -2.81
N TRP C 124 18.55 -26.11 -3.84
CA TRP C 124 18.55 -26.94 -5.04
C TRP C 124 19.76 -26.61 -5.92
N ALA C 125 20.10 -25.32 -6.06
CA ALA C 125 21.16 -24.88 -6.95
C ALA C 125 22.53 -25.34 -6.48
N ILE C 126 22.71 -25.44 -5.15
CA ILE C 126 23.91 -26.01 -4.56
C ILE C 126 23.92 -27.51 -4.83
N ALA C 127 22.75 -28.16 -4.67
CA ALA C 127 22.57 -29.58 -4.90
C ALA C 127 22.65 -29.89 -6.39
N GLN C 128 22.17 -28.98 -7.24
CA GLN C 128 22.04 -29.16 -8.69
C GLN C 128 23.35 -28.84 -9.41
N LEU C 129 24.10 -27.85 -8.89
CA LEU C 129 25.46 -27.60 -9.35
C LEU C 129 26.42 -28.62 -8.74
N ASN C 130 25.93 -29.32 -7.70
CA ASN C 130 26.65 -30.44 -7.10
C ASN C 130 26.17 -31.76 -7.71
N TYR C 131 25.03 -31.72 -8.42
CA TYR C 131 24.61 -32.75 -9.38
C TYR C 131 25.52 -32.71 -10.60
N ALA C 132 25.96 -31.50 -10.99
CA ALA C 132 27.00 -31.33 -12.01
C ALA C 132 28.29 -31.98 -11.52
N ASP C 133 28.58 -31.84 -10.22
CA ASP C 133 29.70 -32.51 -9.58
C ASP C 133 29.50 -34.03 -9.53
N MET C 134 28.27 -34.51 -9.30
CA MET C 134 27.93 -35.93 -9.34
C MET C 134 28.20 -36.46 -10.73
N LEU C 135 27.85 -35.66 -11.75
CA LEU C 135 28.20 -35.93 -13.14
C LEU C 135 29.73 -35.98 -13.29
N LYS C 136 30.44 -35.02 -12.65
CA LYS C 136 31.90 -34.95 -12.65
C LYS C 136 32.51 -35.91 -11.62
N ARG C 137 31.66 -36.63 -10.87
CA ARG C 137 32.10 -37.69 -9.99
C ARG C 137 32.06 -39.01 -10.75
N VAL C 138 30.90 -39.27 -11.38
CA VAL C 138 30.63 -40.53 -12.08
C VAL C 138 31.40 -40.60 -13.41
N GLU C 139 31.37 -39.52 -14.23
CA GLU C 139 31.86 -39.51 -15.61
C GLU C 139 33.38 -39.70 -15.74
N PRO C 140 34.26 -39.10 -14.90
CA PRO C 140 35.69 -39.43 -14.90
C PRO C 140 36.05 -40.86 -14.47
N LEU C 141 35.03 -41.65 -14.13
CA LEU C 141 35.17 -43.07 -13.80
C LEU C 141 34.24 -43.92 -14.67
N ARG C 142 33.35 -43.29 -15.45
CA ARG C 142 32.50 -44.01 -16.40
C ARG C 142 33.34 -44.62 -17.52
N ASN C 143 34.47 -43.97 -17.84
CA ASN C 143 35.44 -44.44 -18.83
C ASN C 143 36.04 -45.77 -18.39
N GLU C 144 36.08 -46.01 -17.08
CA GLU C 144 36.51 -47.28 -16.50
C GLU C 144 35.44 -48.35 -16.72
N LEU C 145 34.18 -47.93 -16.92
CA LEU C 145 33.10 -48.86 -17.22
C LEU C 145 33.03 -49.15 -18.72
N GLN C 146 33.79 -48.40 -19.53
CA GLN C 146 33.76 -48.54 -20.98
C GLN C 146 34.94 -49.34 -21.51
N LYS C 147 36.05 -49.41 -20.74
CA LYS C 147 37.27 -50.04 -21.21
C LYS C 147 37.76 -51.09 -20.20
N LEU C 148 37.70 -50.76 -18.90
CA LEU C 148 38.16 -51.66 -17.86
C LEU C 148 37.09 -52.69 -17.51
N GLU C 149 35.80 -52.31 -17.64
CA GLU C 149 34.70 -53.26 -17.50
C GLU C 149 34.62 -54.16 -18.74
PG GTP D . 2.04 6.57 0.69
O1G GTP D . 2.49 5.22 0.22
O2G GTP D . 2.66 7.64 -0.19
O3G GTP D . 0.53 6.74 0.77
O3B GTP D . 2.64 6.87 2.11
PB GTP D . 2.21 7.99 3.15
O1B GTP D . 1.62 9.13 2.40
O2B GTP D . 3.25 8.21 4.18
O3A GTP D . 1.03 7.21 3.84
PA GTP D . 0.06 7.71 5.01
O1A GTP D . -1.15 8.31 4.38
O2A GTP D . 0.77 8.52 6.02
O5' GTP D . -0.32 6.28 5.63
C5' GTP D . -1.29 6.10 6.69
C4' GTP D . -0.70 6.49 8.02
O4' GTP D . -0.66 7.92 8.12
C3' GTP D . -1.59 6.10 9.20
O3' GTP D . -0.81 6.13 10.40
C2' GTP D . -2.64 7.22 9.09
O2' GTP D . -3.42 7.36 10.26
C1' GTP D . -1.70 8.38 8.96
N9 GTP D . -2.34 9.51 8.35
C8 GTP D . -2.68 9.58 7.04
N7 GTP D . -3.18 10.75 6.72
C5 GTP D . -3.18 11.48 7.90
C6 GTP D . -3.60 12.83 8.17
O6 GTP D . -4.06 13.68 7.37
N1 GTP D . -3.43 13.15 9.49
C2 GTP D . -2.90 12.32 10.44
N2 GTP D . -2.79 12.85 11.64
N3 GTP D . -2.49 11.08 10.21
C4 GTP D . -2.66 10.72 8.92
MG MG E . 0.59 8.92 0.37
PB GDP F . -18.10 -12.92 -27.23
O1B GDP F . -16.98 -12.19 -26.56
O2B GDP F . -17.71 -14.07 -28.13
O3B GDP F . -19.20 -12.05 -27.77
O3A GDP F . -18.72 -13.64 -25.93
PA GDP F . -19.29 -12.71 -24.74
O1A GDP F . -18.21 -11.78 -24.30
O2A GDP F . -20.62 -12.16 -25.24
O5' GDP F . -19.52 -13.73 -23.52
C5' GDP F . -20.75 -14.26 -23.05
C4' GDP F . -21.11 -13.67 -21.70
O4' GDP F . -21.06 -12.23 -21.65
C3' GDP F . -22.54 -14.03 -21.32
O3' GDP F . -22.47 -14.82 -20.12
C2' GDP F . -23.27 -12.70 -21.04
O2' GDP F . -24.03 -12.75 -19.80
C1' GDP F . -22.14 -11.72 -20.85
N9 GDP F . -22.58 -10.41 -21.30
C8 GDP F . -22.90 -10.10 -22.55
N7 GDP F . -23.25 -8.80 -22.69
C5 GDP F . -23.19 -8.27 -21.46
C6 GDP F . -23.46 -6.93 -20.88
O6 GDP F . -23.82 -5.96 -21.57
N1 GDP F . -23.27 -6.79 -19.57
C2 GDP F . -22.87 -7.83 -18.81
N2 GDP F . -22.72 -7.58 -17.50
N3 GDP F . -22.61 -9.07 -19.30
C4 GDP F . -22.76 -9.34 -20.58
O01 TA1 G . -30.12 6.73 -11.70
C01 TA1 G . -29.43 7.24 -10.54
C02 TA1 G . -29.61 6.09 -9.48
O02 TA1 G . -28.89 4.95 -10.03
C03 TA1 G . -29.50 4.13 -10.90
O03 TA1 G . -30.58 4.36 -11.41
C04 TA1 G . -28.71 2.90 -11.14
C05 TA1 G . -29.25 1.85 -11.87
C06 TA1 G . -28.51 0.70 -12.10
C07 TA1 G . -27.22 0.59 -11.60
C08 TA1 G . -26.67 1.61 -10.86
C09 TA1 G . -27.42 2.77 -10.65
C10 TA1 G . -29.04 6.32 -8.02
C11 TA1 G . -28.20 5.09 -7.55
O04 TA1 G . -27.00 4.96 -8.38
C12 TA1 G . -26.15 6.00 -8.50
O05 TA1 G . -26.28 7.05 -7.94
C13 TA1 G . -25.04 5.63 -9.42
C14 TA1 G . -28.79 3.68 -7.46
O06 TA1 G . -28.03 3.43 -6.28
C15 TA1 G . -27.89 4.87 -6.06
C16 TA1 G . -28.87 5.42 -5.06
C17 TA1 G . -29.46 6.75 -5.51
O07 TA1 G . -30.38 7.21 -4.51
C18 TA1 G . -30.08 6.75 -6.94
C19 TA1 G . -31.34 5.86 -6.96
C20 TA1 G . -30.64 8.16 -7.18
O08 TA1 G . -31.83 8.41 -7.00
C21 TA1 G . -29.71 9.30 -7.61
O09 TA1 G . -30.37 10.59 -7.56
C22 TA1 G . -30.57 11.11 -6.35
O10 TA1 G . -30.33 10.52 -5.32
C23 TA1 G . -31.17 12.47 -6.48
C24 TA1 G . -29.16 9.09 -8.99
C25 TA1 G . -27.85 9.27 -9.24
C26 TA1 G . -27.31 8.71 -10.54
O11 TA1 G . -25.86 8.54 -10.46
C27 TA1 G . -25.08 9.60 -10.72
O12 TA1 G . -25.50 10.68 -11.08
C28 TA1 G . -23.61 9.26 -10.51
O13 TA1 G . -22.78 10.30 -10.99
C29 TA1 G . -23.27 7.92 -11.18
N01 TA1 G . -23.31 8.07 -12.64
C30 TA1 G . -24.46 8.09 -13.34
O14 TA1 G . -25.54 7.88 -12.82
C31 TA1 G . -24.40 8.37 -14.82
C32 TA1 G . -23.22 8.76 -15.43
C33 TA1 G . -23.18 9.00 -16.80
C34 TA1 G . -24.32 8.86 -17.56
C35 TA1 G . -25.50 8.46 -16.95
C36 TA1 G . -25.54 8.21 -15.59
C37 TA1 G . -21.96 7.37 -10.66
C38 TA1 G . -21.92 6.59 -9.53
C39 TA1 G . -20.69 6.12 -9.05
C40 TA1 G . -19.51 6.44 -9.71
C41 TA1 G . -19.56 7.20 -10.85
C42 TA1 G . -20.78 7.68 -11.31
C43 TA1 G . -27.94 7.35 -10.94
C44 TA1 G . -26.86 9.92 -8.30
C45 TA1 G . -30.06 8.60 -10.11
C46 TA1 G . -30.09 9.67 -11.25
C47 TA1 G . -31.56 8.43 -9.79
#